data_7NB2
#
_entry.id   7NB2
#
_cell.length_a   55.593
_cell.length_b   120.926
_cell.length_c   130.456
_cell.angle_alpha   90.000
_cell.angle_beta   90.000
_cell.angle_gamma   90.000
#
_symmetry.space_group_name_H-M   'P 21 21 21'
#
loop_
_entity.id
_entity.type
_entity.pdbx_description
1 polymer 'Choline kinase alpha'
2 non-polymer '4-(2-HYDROXYETHYL)-1-PIPERAZINE ETHANESULFONIC ACID'
3 non-polymer 4-(6-azanyl-2-chloranyl-purin-9-yl)-~{N}-(4-methyl-1,3-thiazol-2-yl)cyclohexane-1-carboxamide
4 non-polymer 'MAGNESIUM ION'
5 water water
#
_entity_poly.entity_id   1
_entity_poly.type   'polypeptide(L)'
_entity_poly.pdbx_seq_one_letter_code
;GPQPPADEQPEPRTRRRAYLWCKEFLPGAWRGLREDEFHISVIRGGLSNMLFQCSLPDTTATLGDEPRKVLLRLYGAILQ
MRSCNKEGSEQAQKENEFQGAEAMVLESVMFAILAERSLGPKLYGIFPQGRLEQFIPSRRLDTEELSLPDISAEIAEKMA
TFHGMKMPFNKEPKWLFGTMEKYLKEVLRIKFTEESRIKKLHKLLSYNLPLELENLRSLLESTPSPVVFCHNDCQEGNIL
LLEGRENSEKQKLMLIDFEYSSYNYRGFDIGNHFCEWMYDYSYEKYPFFRANIRKYPTKKQQLHFISSYLPAFQNDFENL
STEEKSIIKEEMLLEVNRFALASHFLWGLWSIVQAKISSIEFGYMDYAQARFDAYFHQKRKLGV
;
_entity_poly.pdbx_strand_id   AAA,BBB
#
loop_
_chem_comp.id
_chem_comp.type
_chem_comp.name
_chem_comp.formula
EPE non-polymer '4-(2-HYDROXYETHYL)-1-PIPERAZINE ETHANESULFONIC ACID' 'C8 H18 N2 O4 S'
MG non-polymer 'MAGNESIUM ION' 'Mg 2'
U6E non-polymer 4-(6-azanyl-2-chloranyl-purin-9-yl)-~{N}-(4-methyl-1,3-thiazol-2-yl)cyclohexane-1-carboxamide 'C16 H18 Cl N7 O S'
#
# COMPACT_ATOMS: atom_id res chain seq x y z
N PRO A 10 18.31 -10.17 -20.40
CA PRO A 10 17.40 -9.00 -20.51
C PRO A 10 17.70 -8.09 -21.70
N GLU A 11 16.70 -7.92 -22.58
CA GLU A 11 16.80 -7.13 -23.80
C GLU A 11 17.16 -5.68 -23.43
N PRO A 12 18.15 -5.05 -24.08
CA PRO A 12 18.79 -3.84 -23.54
C PRO A 12 17.91 -2.60 -23.41
N ARG A 13 16.72 -2.63 -24.04
CA ARG A 13 15.74 -1.55 -23.89
C ARG A 13 15.28 -1.48 -22.43
N THR A 14 14.97 -2.66 -21.85
CA THR A 14 14.50 -2.76 -20.48
C THR A 14 15.66 -2.60 -19.51
N ARG A 15 16.87 -2.98 -19.94
CA ARG A 15 18.07 -2.71 -19.18
C ARG A 15 18.22 -1.19 -18.96
N ARG A 16 17.50 -0.40 -19.78
CA ARG A 16 17.45 1.05 -19.64
C ARG A 16 16.53 1.44 -18.48
N ARG A 17 15.25 1.05 -18.60
CA ARG A 17 14.19 1.34 -17.64
C ARG A 17 14.64 1.00 -16.22
N ALA A 18 15.10 -0.25 -16.03
CA ALA A 18 15.69 -0.73 -14.79
C ALA A 18 16.71 0.27 -14.26
N TYR A 19 17.61 0.74 -15.15
CA TYR A 19 18.61 1.71 -14.74
C TYR A 19 17.93 2.95 -14.15
N LEU A 20 16.88 3.41 -14.83
CA LEU A 20 16.23 4.66 -14.46
C LEU A 20 15.49 4.47 -13.13
N TRP A 21 14.68 3.40 -13.08
CA TRP A 21 14.02 2.98 -11.86
C TRP A 21 14.99 3.01 -10.69
N CYS A 22 16.21 2.53 -10.90
CA CYS A 22 17.15 2.49 -9.78
C CYS A 22 17.77 3.85 -9.56
N LYS A 23 17.94 4.64 -10.65
CA LYS A 23 18.55 5.96 -10.54
C LYS A 23 17.59 6.87 -9.77
N GLU A 24 16.32 6.81 -10.15
CA GLU A 24 15.28 7.67 -9.61
C GLU A 24 14.90 7.27 -8.17
N PHE A 25 14.71 5.95 -7.92
CA PHE A 25 14.05 5.51 -6.69
C PHE A 25 15.00 5.23 -5.53
N LEU A 26 16.28 4.91 -5.81
CA LEU A 26 17.12 4.43 -4.71
C LEU A 26 18.02 5.53 -4.20
N PRO A 27 18.28 5.64 -2.87
CA PRO A 27 19.12 6.72 -2.31
C PRO A 27 20.63 6.44 -2.32
N GLY A 28 21.40 7.43 -1.85
CA GLY A 28 22.86 7.39 -1.91
C GLY A 28 23.38 7.30 -3.35
N ALA A 29 24.36 6.41 -3.54
CA ALA A 29 25.19 6.35 -4.74
C ALA A 29 24.39 6.04 -6.01
N TRP A 30 23.11 5.68 -5.86
CA TRP A 30 22.30 5.32 -7.03
C TRP A 30 21.85 6.59 -7.74
N ARG A 31 21.78 7.68 -6.96
CA ARG A 31 21.33 8.97 -7.44
C ARG A 31 22.36 9.45 -8.46
N GLY A 32 23.65 9.43 -8.06
CA GLY A 32 24.74 9.84 -8.92
C GLY A 32 25.43 8.67 -9.62
N LEU A 33 24.64 7.80 -10.26
CA LEU A 33 25.17 6.64 -10.95
C LEU A 33 24.96 6.84 -12.45
N ARG A 34 26.00 6.58 -13.24
CA ARG A 34 25.90 6.58 -14.69
C ARG A 34 25.46 5.20 -15.18
N GLU A 35 25.00 5.14 -16.44
CA GLU A 35 24.47 3.94 -17.07
C GLU A 35 25.58 2.93 -17.36
N ASP A 36 26.83 3.40 -17.30
CA ASP A 36 28.00 2.61 -17.67
C ASP A 36 28.57 1.89 -16.45
N GLU A 37 27.88 1.99 -15.32
CA GLU A 37 28.31 1.30 -14.11
C GLU A 37 27.14 0.55 -13.45
N PHE A 38 26.15 0.15 -14.27
CA PHE A 38 24.94 -0.49 -13.81
C PHE A 38 24.90 -1.96 -14.22
N HIS A 39 25.21 -2.85 -13.25
CA HIS A 39 25.10 -4.29 -13.42
C HIS A 39 23.70 -4.75 -13.03
N ILE A 40 23.06 -5.54 -13.90
CA ILE A 40 21.78 -6.17 -13.62
C ILE A 40 21.69 -7.52 -14.32
N SER A 41 21.78 -8.61 -13.54
CA SER A 41 21.56 -9.95 -14.06
C SER A 41 20.12 -10.39 -13.77
N VAL A 42 19.64 -11.35 -14.56
CA VAL A 42 18.36 -12.01 -14.34
C VAL A 42 18.44 -12.82 -13.04
N ILE A 43 17.28 -13.14 -12.46
CA ILE A 43 17.19 -14.10 -11.35
C ILE A 43 16.16 -15.17 -11.71
N ARG A 44 15.09 -14.76 -12.42
CA ARG A 44 14.04 -15.65 -12.88
C ARG A 44 13.21 -14.96 -13.97
N GLY A 45 13.15 -15.56 -15.17
CA GLY A 45 12.23 -15.15 -16.22
C GLY A 45 10.79 -15.51 -15.89
N GLY A 46 9.97 -15.80 -16.90
CA GLY A 46 8.64 -16.34 -16.68
C GLY A 46 7.53 -15.57 -17.40
N LEU A 47 7.88 -14.37 -17.92
CA LEU A 47 6.99 -13.42 -18.58
C LEU A 47 5.84 -13.01 -17.66
N SER A 48 6.12 -13.06 -16.35
CA SER A 48 5.16 -12.78 -15.28
C SER A 48 5.91 -12.86 -13.95
N ASN A 49 5.77 -11.81 -13.13
CA ASN A 49 6.47 -11.70 -11.85
C ASN A 49 7.94 -12.07 -12.04
N MET A 50 8.63 -11.32 -12.92
CA MET A 50 10.04 -11.55 -13.22
C MET A 50 10.94 -10.87 -12.19
N LEU A 51 12.05 -11.53 -11.84
CA LEU A 51 12.93 -11.04 -10.79
C LEU A 51 14.35 -10.86 -11.34
N PHE A 52 14.97 -9.75 -10.94
CA PHE A 52 16.28 -9.36 -11.40
C PHE A 52 17.08 -8.86 -10.20
N GLN A 53 18.40 -9.06 -10.24
CA GLN A 53 19.30 -8.58 -9.23
C GLN A 53 20.03 -7.36 -9.81
N CYS A 54 19.79 -6.19 -9.22
CA CYS A 54 20.47 -4.97 -9.62
C CYS A 54 21.49 -4.61 -8.54
N SER A 55 22.70 -4.21 -8.95
CA SER A 55 23.74 -3.85 -7.99
C SER A 55 24.70 -2.82 -8.58
N LEU A 56 25.56 -2.29 -7.70
CA LEU A 56 26.58 -1.32 -8.02
C LEU A 56 27.80 -2.04 -8.59
N PRO A 57 28.83 -1.32 -9.12
CA PRO A 57 30.15 -1.92 -9.29
C PRO A 57 30.75 -2.05 -7.90
N ASP A 58 31.76 -2.91 -7.78
CA ASP A 58 32.46 -3.09 -6.50
C ASP A 58 33.21 -1.80 -6.14
N THR A 59 33.30 -0.88 -7.10
CA THR A 59 34.17 0.29 -7.01
C THR A 59 33.50 1.45 -6.26
N THR A 60 32.17 1.41 -6.11
CA THR A 60 31.39 2.55 -5.64
C THR A 60 31.08 2.41 -4.15
N ALA A 61 31.53 3.40 -3.35
CA ALA A 61 31.25 3.44 -1.93
C ALA A 61 29.84 3.99 -1.69
N THR A 62 29.37 3.88 -0.44
CA THR A 62 27.97 4.12 -0.12
C THR A 62 27.68 5.62 0.06
N PRO A 67 21.93 0.68 -0.02
CA PRO A 67 22.32 -0.73 -0.20
C PRO A 67 22.92 -0.98 -1.58
N ARG A 68 23.76 -2.02 -1.68
CA ARG A 68 24.52 -2.30 -2.89
C ARG A 68 23.75 -3.23 -3.83
N LYS A 69 22.92 -4.13 -3.27
CA LYS A 69 22.09 -4.99 -4.11
C LYS A 69 20.61 -4.80 -3.76
N VAL A 70 19.79 -4.70 -4.81
CA VAL A 70 18.33 -4.70 -4.74
C VAL A 70 17.77 -5.75 -5.70
N LEU A 71 16.50 -6.14 -5.49
CA LEU A 71 15.74 -6.98 -6.39
C LEU A 71 14.70 -6.12 -7.07
N LEU A 72 14.54 -6.29 -8.39
CA LEU A 72 13.49 -5.66 -9.15
C LEU A 72 12.48 -6.73 -9.56
N ARG A 73 11.20 -6.39 -9.44
CA ARG A 73 10.12 -7.31 -9.78
C ARG A 73 9.24 -6.66 -10.84
N LEU A 74 9.34 -7.15 -12.08
CA LEU A 74 8.45 -6.72 -13.15
C LEU A 74 7.21 -7.60 -13.14
N TYR A 75 6.03 -6.98 -13.16
CA TYR A 75 4.75 -7.66 -12.98
C TYR A 75 4.41 -8.55 -14.17
N GLY A 76 4.61 -8.06 -15.42
CA GLY A 76 4.27 -8.82 -16.61
C GLY A 76 2.80 -8.66 -17.01
N ALA A 77 1.99 -9.70 -16.74
CA ALA A 77 0.55 -9.73 -17.02
C ALA A 77 -0.19 -8.64 -16.21
N GLU A 102 -7.22 -4.48 -9.88
CA GLU A 102 -7.94 -4.63 -8.59
C GLU A 102 -7.03 -5.26 -7.55
N ALA A 103 -6.42 -6.38 -7.91
CA ALA A 103 -5.56 -7.17 -7.04
C ALA A 103 -4.16 -6.57 -6.97
N MET A 104 -3.93 -5.48 -7.72
CA MET A 104 -2.65 -4.77 -7.78
C MET A 104 -2.53 -3.81 -6.60
N VAL A 105 -3.62 -3.08 -6.35
CA VAL A 105 -3.76 -2.24 -5.17
C VAL A 105 -3.47 -3.08 -3.93
N LEU A 106 -4.12 -4.24 -3.84
CA LEU A 106 -4.06 -5.04 -2.63
C LEU A 106 -2.64 -5.51 -2.39
N GLU A 107 -2.08 -6.21 -3.39
CA GLU A 107 -0.75 -6.82 -3.29
C GLU A 107 0.26 -5.78 -2.83
N SER A 108 0.09 -4.54 -3.30
CA SER A 108 1.02 -3.47 -3.05
C SER A 108 0.95 -3.02 -1.59
N VAL A 109 -0.27 -2.84 -1.10
CA VAL A 109 -0.47 -2.41 0.28
C VAL A 109 0.04 -3.53 1.20
N MET A 110 -0.22 -4.77 0.79
CA MET A 110 0.12 -5.89 1.66
C MET A 110 1.64 -5.97 1.82
N PHE A 111 2.35 -5.87 0.69
CA PHE A 111 3.80 -5.90 0.66
C PHE A 111 4.39 -4.76 1.49
N ALA A 112 3.83 -3.55 1.30
CA ALA A 112 4.26 -2.38 2.05
C ALA A 112 4.08 -2.60 3.56
N ILE A 113 2.90 -3.09 3.96
CA ILE A 113 2.63 -3.35 5.37
C ILE A 113 3.66 -4.33 5.93
N LEU A 114 3.88 -5.47 5.25
CA LEU A 114 4.75 -6.51 5.80
C LEU A 114 6.20 -5.98 5.90
N ALA A 115 6.59 -5.14 4.94
CA ALA A 115 7.86 -4.43 4.99
C ALA A 115 7.94 -3.53 6.22
N GLU A 116 6.93 -2.66 6.40
CA GLU A 116 6.91 -1.79 7.58
C GLU A 116 7.11 -2.60 8.86
N ARG A 117 6.45 -3.77 8.95
CA ARG A 117 6.45 -4.55 10.18
C ARG A 117 7.64 -5.51 10.30
N SER A 118 8.62 -5.45 9.37
CA SER A 118 9.76 -6.37 9.35
C SER A 118 9.33 -7.84 9.23
N LEU A 119 8.31 -8.12 8.41
CA LEU A 119 7.93 -9.51 8.16
C LEU A 119 8.24 -9.88 6.70
N GLY A 120 8.68 -8.90 5.93
CA GLY A 120 8.97 -9.08 4.52
C GLY A 120 10.18 -8.25 4.09
N PRO A 121 10.57 -8.35 2.81
CA PRO A 121 11.69 -7.56 2.32
C PRO A 121 11.21 -6.11 2.37
N LYS A 122 12.16 -5.17 2.54
CA LYS A 122 11.87 -3.74 2.58
C LYS A 122 11.39 -3.30 1.19
N LEU A 123 10.46 -2.35 1.14
CA LEU A 123 10.03 -1.83 -0.15
C LEU A 123 10.89 -0.60 -0.47
N TYR A 124 11.46 -0.52 -1.68
CA TYR A 124 12.32 0.62 -1.95
C TYR A 124 11.72 1.48 -3.05
N GLY A 125 10.93 0.86 -3.92
CA GLY A 125 10.29 1.61 -4.99
C GLY A 125 9.07 0.87 -5.48
N ILE A 126 8.00 1.60 -5.82
CA ILE A 126 6.79 1.04 -6.41
C ILE A 126 6.35 1.89 -7.61
N PHE A 127 6.09 1.24 -8.75
CA PHE A 127 5.69 1.87 -9.99
C PHE A 127 4.69 0.97 -10.71
N PRO A 128 4.16 1.37 -11.90
CA PRO A 128 3.16 0.57 -12.60
C PRO A 128 3.66 -0.82 -12.99
N GLN A 129 4.90 -0.89 -13.48
CA GLN A 129 5.44 -2.08 -14.10
C GLN A 129 5.96 -3.07 -13.05
N GLY A 130 6.23 -2.58 -11.85
CA GLY A 130 6.83 -3.45 -10.85
C GLY A 130 7.28 -2.68 -9.61
N ARG A 131 8.19 -3.31 -8.86
CA ARG A 131 8.68 -2.74 -7.62
C ARG A 131 10.15 -3.10 -7.42
N LEU A 132 10.86 -2.26 -6.64
CA LEU A 132 12.20 -2.56 -6.18
C LEU A 132 12.09 -2.95 -4.71
N GLU A 133 12.68 -4.10 -4.38
CA GLU A 133 12.61 -4.65 -3.04
C GLU A 133 14.02 -4.94 -2.54
N GLN A 134 14.13 -5.04 -1.22
CA GLN A 134 15.36 -5.50 -0.60
C GLN A 134 15.71 -6.87 -1.19
N PHE A 135 16.98 -7.06 -1.49
CA PHE A 135 17.49 -8.38 -1.85
C PHE A 135 17.93 -9.05 -0.56
N ILE A 136 17.35 -10.23 -0.26
CA ILE A 136 17.69 -10.91 0.96
C ILE A 136 18.74 -11.97 0.63
N PRO A 137 19.99 -11.78 1.09
CA PRO A 137 21.00 -12.82 0.90
C PRO A 137 20.51 -14.08 1.59
N SER A 138 20.36 -15.16 0.81
CA SER A 138 19.72 -16.40 1.25
C SER A 138 19.70 -17.42 0.11
N ARG A 139 19.14 -18.60 0.40
CA ARG A 139 18.69 -19.47 -0.67
C ARG A 139 17.31 -20.01 -0.28
N ARG A 140 16.54 -20.44 -1.28
CA ARG A 140 15.27 -21.12 -1.08
C ARG A 140 15.52 -22.45 -0.36
N LEU A 141 14.56 -22.93 0.45
CA LEU A 141 14.66 -24.27 0.99
C LEU A 141 14.46 -25.30 -0.12
N ASP A 142 15.06 -26.47 0.07
CA ASP A 142 14.80 -27.73 -0.63
C ASP A 142 13.71 -28.50 0.10
N THR A 143 12.94 -29.30 -0.66
CA THR A 143 11.80 -30.05 -0.16
C THR A 143 12.17 -30.87 1.07
N GLU A 144 13.30 -31.58 1.00
CA GLU A 144 13.70 -32.51 2.06
C GLU A 144 13.87 -31.78 3.39
N GLU A 145 14.23 -30.49 3.33
CA GLU A 145 14.51 -29.67 4.51
C GLU A 145 13.24 -29.35 5.30
N LEU A 146 12.05 -29.50 4.69
CA LEU A 146 10.81 -29.17 5.38
C LEU A 146 10.59 -30.05 6.61
N SER A 147 11.19 -31.26 6.62
CA SER A 147 10.92 -32.25 7.65
C SER A 147 11.95 -32.19 8.76
N LEU A 148 13.00 -31.38 8.57
CA LEU A 148 14.03 -31.18 9.58
C LEU A 148 13.34 -30.52 10.79
N PRO A 149 13.40 -31.13 11.99
CA PRO A 149 12.65 -30.63 13.14
C PRO A 149 12.78 -29.15 13.45
N ASP A 150 14.00 -28.60 13.33
CA ASP A 150 14.27 -27.19 13.62
C ASP A 150 13.61 -26.29 12.56
N ILE A 151 13.69 -26.73 11.30
CA ILE A 151 13.08 -26.00 10.20
C ILE A 151 11.56 -26.02 10.36
N SER A 152 11.00 -27.21 10.63
CA SER A 152 9.55 -27.33 10.72
C SER A 152 9.03 -26.40 11.80
N ALA A 153 9.67 -26.49 12.99
CA ALA A 153 9.36 -25.67 14.15
C ALA A 153 9.39 -24.18 13.79
N GLU A 154 10.40 -23.75 13.03
CA GLU A 154 10.47 -22.33 12.73
C GLU A 154 9.35 -21.93 11.76
N ILE A 155 9.09 -22.80 10.76
CA ILE A 155 8.07 -22.53 9.77
C ILE A 155 6.73 -22.36 10.49
N ALA A 156 6.51 -23.24 11.48
CA ALA A 156 5.28 -23.19 12.25
C ALA A 156 5.16 -21.86 13.01
N GLU A 157 6.29 -21.40 13.53
CA GLU A 157 6.34 -20.18 14.31
C GLU A 157 5.99 -19.01 13.39
N LYS A 158 6.66 -18.93 12.22
CA LYS A 158 6.47 -17.84 11.27
C LYS A 158 5.03 -17.81 10.76
N MET A 159 4.48 -18.96 10.37
CA MET A 159 3.10 -19.04 9.94
C MET A 159 2.18 -18.50 11.05
N ALA A 160 2.39 -18.99 12.28
CA ALA A 160 1.67 -18.46 13.44
C ALA A 160 1.74 -16.94 13.51
N THR A 161 2.92 -16.34 13.31
CA THR A 161 3.07 -14.90 13.36
C THR A 161 2.22 -14.23 12.27
N PHE A 162 2.34 -14.77 11.06
CA PHE A 162 1.61 -14.31 9.88
C PHE A 162 0.11 -14.36 10.17
N HIS A 163 -0.34 -15.41 10.88
CA HIS A 163 -1.75 -15.63 11.17
C HIS A 163 -2.26 -14.63 12.20
N GLY A 164 -1.33 -14.10 13.00
CA GLY A 164 -1.62 -13.12 14.03
C GLY A 164 -1.85 -11.72 13.47
N MET A 165 -1.27 -11.43 12.28
CA MET A 165 -1.34 -10.15 11.59
C MET A 165 -2.79 -9.71 11.37
N LYS A 166 -3.10 -8.47 11.79
CA LYS A 166 -4.31 -7.79 11.34
C LYS A 166 -3.99 -7.09 10.04
N MET A 167 -4.74 -7.38 8.98
CA MET A 167 -4.50 -6.77 7.68
C MET A 167 -5.79 -6.09 7.22
N PRO A 168 -5.72 -4.99 6.43
CA PRO A 168 -6.91 -4.28 5.99
C PRO A 168 -7.72 -4.90 4.85
N PHE A 169 -7.90 -6.21 4.91
CA PHE A 169 -8.59 -6.88 3.84
C PHE A 169 -9.89 -7.51 4.35
N ASN A 170 -10.68 -8.02 3.41
CA ASN A 170 -11.92 -8.71 3.68
C ASN A 170 -11.65 -9.88 4.62
N LYS A 171 -12.40 -9.92 5.74
CA LYS A 171 -12.18 -10.88 6.82
C LYS A 171 -13.07 -12.11 6.62
N GLU A 172 -14.00 -12.04 5.66
CA GLU A 172 -14.85 -13.18 5.33
C GLU A 172 -13.99 -14.20 4.58
N PRO A 173 -14.03 -15.50 4.96
CA PRO A 173 -13.22 -16.52 4.29
C PRO A 173 -13.78 -17.02 2.95
N LYS A 174 -13.89 -16.12 1.98
CA LYS A 174 -14.48 -16.48 0.70
C LYS A 174 -13.41 -16.98 -0.26
N TRP A 175 -12.13 -16.75 0.07
CA TRP A 175 -11.05 -17.09 -0.85
C TRP A 175 -11.11 -18.54 -1.32
N LEU A 176 -11.27 -19.49 -0.39
CA LEU A 176 -10.97 -20.88 -0.68
C LEU A 176 -11.94 -21.47 -1.69
N PHE A 177 -13.24 -21.34 -1.42
CA PHE A 177 -14.24 -21.86 -2.32
C PHE A 177 -14.43 -20.93 -3.52
N GLY A 178 -14.28 -19.62 -3.26
CA GLY A 178 -14.32 -18.62 -4.34
C GLY A 178 -13.31 -18.94 -5.43
N THR A 179 -12.08 -19.29 -5.03
CA THR A 179 -11.01 -19.60 -5.96
C THR A 179 -11.26 -20.96 -6.60
N MET A 180 -11.76 -21.92 -5.82
CA MET A 180 -11.90 -23.27 -6.37
C MET A 180 -13.01 -23.28 -7.42
N GLU A 181 -14.10 -22.53 -7.17
CA GLU A 181 -15.18 -22.31 -8.12
C GLU A 181 -14.65 -21.57 -9.35
N LYS A 182 -13.82 -20.55 -9.13
CA LYS A 182 -13.25 -19.78 -10.22
C LYS A 182 -12.55 -20.75 -11.17
N TYR A 183 -11.64 -21.57 -10.62
CA TYR A 183 -10.83 -22.45 -11.45
C TYR A 183 -11.70 -23.55 -12.03
N LEU A 184 -12.63 -24.06 -11.21
CA LEU A 184 -13.51 -25.10 -11.71
C LEU A 184 -14.23 -24.64 -12.99
N LYS A 185 -14.79 -23.41 -13.01
CA LYS A 185 -15.55 -22.92 -14.16
C LYS A 185 -14.61 -22.81 -15.37
N GLU A 186 -13.39 -22.28 -15.14
CA GLU A 186 -12.38 -22.24 -16.19
C GLU A 186 -12.12 -23.65 -16.71
N VAL A 187 -11.92 -24.61 -15.80
CA VAL A 187 -11.57 -25.98 -16.15
C VAL A 187 -12.60 -26.59 -17.11
N LEU A 188 -13.90 -26.34 -16.86
CA LEU A 188 -14.97 -26.98 -17.61
C LEU A 188 -15.12 -26.38 -19.00
N ARG A 189 -14.52 -25.18 -19.21
CA ARG A 189 -14.56 -24.41 -20.44
C ARG A 189 -13.37 -24.73 -21.34
N ILE A 190 -12.32 -25.30 -20.76
CA ILE A 190 -11.05 -25.48 -21.46
C ILE A 190 -11.20 -26.52 -22.57
N LYS A 191 -10.62 -26.21 -23.74
CA LYS A 191 -10.44 -27.21 -24.79
C LYS A 191 -8.98 -27.18 -25.24
N PHE A 192 -8.39 -28.37 -25.34
CA PHE A 192 -7.01 -28.53 -25.79
C PHE A 192 -6.99 -29.18 -27.19
N THR A 193 -6.05 -28.74 -28.04
CA THR A 193 -5.94 -29.27 -29.39
C THR A 193 -5.19 -30.61 -29.41
N GLU A 194 -4.04 -30.66 -28.73
CA GLU A 194 -3.15 -31.83 -28.69
C GLU A 194 -3.91 -33.00 -28.09
N GLU A 195 -3.59 -34.22 -28.53
CA GLU A 195 -4.40 -35.41 -28.29
C GLU A 195 -4.26 -35.94 -26.86
N SER A 196 -3.04 -35.96 -26.32
CA SER A 196 -2.85 -36.59 -25.02
C SER A 196 -3.38 -35.68 -23.90
N ARG A 197 -3.27 -34.37 -24.10
CA ARG A 197 -3.87 -33.38 -23.22
C ARG A 197 -5.39 -33.58 -23.14
N ILE A 198 -6.01 -33.92 -24.27
CA ILE A 198 -7.44 -34.17 -24.32
C ILE A 198 -7.77 -35.37 -23.44
N LYS A 199 -6.94 -36.42 -23.49
CA LYS A 199 -7.21 -37.67 -22.79
C LYS A 199 -6.99 -37.48 -21.28
N LYS A 200 -5.90 -36.78 -20.93
CA LYS A 200 -5.60 -36.39 -19.57
C LYS A 200 -6.78 -35.60 -18.98
N LEU A 201 -7.32 -34.63 -19.75
CA LEU A 201 -8.34 -33.74 -19.22
C LEU A 201 -9.65 -34.51 -18.98
N HIS A 202 -9.98 -35.35 -19.96
CA HIS A 202 -11.08 -36.29 -19.95
C HIS A 202 -11.03 -37.19 -18.71
N LYS A 203 -9.84 -37.72 -18.38
CA LYS A 203 -9.69 -38.53 -17.17
C LYS A 203 -10.02 -37.69 -15.93
N LEU A 204 -9.54 -36.43 -15.90
CA LEU A 204 -9.76 -35.55 -14.75
C LEU A 204 -11.25 -35.15 -14.64
N LEU A 205 -11.89 -34.82 -15.76
CA LEU A 205 -13.31 -34.50 -15.78
C LEU A 205 -14.14 -35.72 -15.39
N SER A 206 -13.60 -36.90 -15.60
CA SER A 206 -14.37 -38.10 -15.29
C SER A 206 -14.56 -38.31 -13.78
N TYR A 207 -13.85 -37.56 -12.92
CA TYR A 207 -14.09 -37.65 -11.47
C TYR A 207 -15.39 -36.95 -11.07
N ASN A 208 -15.97 -36.18 -12.00
CA ASN A 208 -17.15 -35.38 -11.70
C ASN A 208 -16.76 -34.30 -10.69
N LEU A 209 -16.01 -33.31 -11.20
CA LEU A 209 -15.37 -32.33 -10.36
C LEU A 209 -16.41 -31.47 -9.65
N PRO A 210 -17.51 -31.05 -10.32
CA PRO A 210 -18.51 -30.20 -9.69
C PRO A 210 -19.20 -30.89 -8.51
N LEU A 211 -19.44 -32.21 -8.63
CA LEU A 211 -20.07 -32.97 -7.56
C LEU A 211 -19.09 -33.20 -6.39
N GLU A 212 -17.81 -33.39 -6.75
CA GLU A 212 -16.75 -33.68 -5.79
C GLU A 212 -16.42 -32.43 -4.97
N LEU A 213 -16.57 -31.26 -5.59
CA LEU A 213 -16.39 -30.01 -4.89
C LEU A 213 -17.41 -29.89 -3.75
N GLU A 214 -18.67 -30.26 -4.04
CA GLU A 214 -19.77 -30.19 -3.06
C GLU A 214 -19.53 -31.19 -1.93
N ASN A 215 -18.90 -32.32 -2.28
CA ASN A 215 -18.49 -33.31 -1.31
C ASN A 215 -17.52 -32.65 -0.34
N LEU A 216 -16.55 -31.90 -0.89
CA LEU A 216 -15.55 -31.24 -0.07
C LEU A 216 -16.17 -30.13 0.77
N ARG A 217 -17.10 -29.38 0.18
CA ARG A 217 -17.81 -28.32 0.86
C ARG A 217 -18.53 -28.89 2.09
N SER A 218 -19.32 -29.95 1.89
CA SER A 218 -20.01 -30.53 3.03
C SER A 218 -19.01 -30.95 4.12
N LEU A 219 -17.85 -31.49 3.72
CA LEU A 219 -16.91 -31.94 4.74
C LEU A 219 -16.30 -30.72 5.43
N LEU A 220 -15.99 -29.66 4.67
CA LEU A 220 -15.23 -28.56 5.25
C LEU A 220 -16.12 -27.60 6.04
N GLU A 221 -17.37 -27.43 5.61
CA GLU A 221 -18.31 -26.66 6.41
C GLU A 221 -18.57 -27.37 7.74
N SER A 222 -18.34 -28.69 7.82
CA SER A 222 -18.54 -29.43 9.07
C SER A 222 -17.29 -29.44 9.95
N THR A 223 -16.20 -28.82 9.49
CA THR A 223 -14.91 -28.87 10.17
C THR A 223 -14.52 -27.47 10.58
N PRO A 224 -14.83 -27.02 11.83
CA PRO A 224 -14.46 -25.65 12.26
C PRO A 224 -12.96 -25.39 12.17
N SER A 225 -12.62 -24.19 11.72
CA SER A 225 -11.25 -23.74 11.57
C SER A 225 -11.25 -22.22 11.67
N PRO A 226 -10.42 -21.65 12.56
CA PRO A 226 -10.42 -20.20 12.77
C PRO A 226 -9.96 -19.51 11.49
N VAL A 227 -10.57 -18.37 11.16
CA VAL A 227 -10.20 -17.58 10.00
C VAL A 227 -9.07 -16.63 10.40
N VAL A 228 -8.03 -16.54 9.58
CA VAL A 228 -6.86 -15.77 9.90
C VAL A 228 -6.20 -15.35 8.59
N PHE A 229 -5.19 -14.48 8.68
CA PHE A 229 -4.48 -13.99 7.52
C PHE A 229 -3.48 -15.07 7.11
N CYS A 230 -3.76 -15.72 5.97
CA CYS A 230 -3.07 -16.90 5.51
C CYS A 230 -2.10 -16.52 4.39
N HIS A 231 -0.93 -17.15 4.38
CA HIS A 231 0.02 -17.07 3.29
C HIS A 231 -0.51 -17.79 2.05
N ASN A 232 -1.08 -18.99 2.23
CA ASN A 232 -1.84 -19.72 1.21
C ASN A 232 -0.97 -20.48 0.21
N ASP A 233 0.36 -20.39 0.34
CA ASP A 233 1.24 -20.96 -0.67
C ASP A 233 2.58 -21.24 0.00
N CYS A 234 2.49 -21.86 1.17
CA CYS A 234 3.67 -21.95 1.98
C CYS A 234 4.51 -23.18 1.59
N GLN A 235 5.27 -23.03 0.50
CA GLN A 235 6.11 -24.10 -0.03
C GLN A 235 7.59 -23.76 0.17
N GLU A 236 8.45 -24.78 0.05
CA GLU A 236 9.89 -24.59 0.22
C GLU A 236 10.38 -23.43 -0.64
N GLY A 237 9.81 -23.28 -1.84
CA GLY A 237 10.31 -22.28 -2.78
C GLY A 237 10.06 -20.86 -2.30
N ASN A 238 9.19 -20.73 -1.28
CA ASN A 238 8.71 -19.46 -0.75
C ASN A 238 9.24 -19.22 0.66
N ILE A 239 10.28 -20.00 1.04
CA ILE A 239 10.93 -19.91 2.35
C ILE A 239 12.42 -19.71 2.13
N LEU A 240 12.97 -18.55 2.55
CA LEU A 240 14.37 -18.24 2.36
C LEU A 240 15.14 -18.64 3.62
N LEU A 241 16.28 -19.32 3.46
CA LEU A 241 17.17 -19.57 4.58
C LEU A 241 18.23 -18.47 4.55
N LEU A 242 18.24 -17.60 5.57
CA LEU A 242 19.02 -16.37 5.50
C LEU A 242 20.51 -16.65 5.64
N GLU A 243 21.31 -16.01 4.81
CA GLU A 243 22.74 -16.25 4.85
C GLU A 243 23.32 -15.91 6.22
N GLY A 244 24.29 -16.72 6.66
CA GLY A 244 24.97 -16.50 7.91
C GLY A 244 24.04 -16.56 9.12
N ARG A 245 22.87 -17.21 8.98
CA ARG A 245 22.06 -17.49 10.16
C ARG A 245 21.82 -19.00 10.28
N GLU A 246 22.50 -19.77 9.42
CA GLU A 246 22.40 -21.23 9.35
C GLU A 246 22.55 -21.88 10.73
N ASN A 247 23.31 -21.25 11.63
CA ASN A 247 23.53 -21.80 12.96
C ASN A 247 22.40 -21.43 13.91
N SER A 248 21.68 -20.35 13.62
CA SER A 248 20.53 -19.99 14.42
C SER A 248 19.52 -21.14 14.40
N GLU A 249 19.00 -21.46 15.57
CA GLU A 249 18.11 -22.60 15.68
C GLU A 249 16.68 -22.18 15.39
N LYS A 250 16.29 -20.95 15.78
CA LYS A 250 14.87 -20.61 15.74
C LYS A 250 14.61 -19.38 14.88
N GLN A 251 15.64 -18.84 14.22
CA GLN A 251 15.52 -17.55 13.57
C GLN A 251 16.34 -17.49 12.27
N LYS A 252 16.21 -18.52 11.42
CA LYS A 252 17.00 -18.51 10.20
C LYS A 252 16.16 -18.33 8.92
N LEU A 253 14.83 -18.17 9.04
CA LEU A 253 13.95 -18.29 7.88
C LEU A 253 13.12 -17.02 7.66
N MET A 254 12.70 -16.82 6.42
CA MET A 254 11.76 -15.76 6.09
C MET A 254 10.84 -16.29 5.00
N LEU A 255 9.53 -16.25 5.29
CA LEU A 255 8.48 -16.49 4.33
C LEU A 255 8.45 -15.31 3.39
N ILE A 256 8.34 -15.60 2.08
CA ILE A 256 8.19 -14.59 1.03
C ILE A 256 7.03 -15.00 0.15
N ASP A 257 6.74 -14.12 -0.82
CA ASP A 257 5.85 -14.36 -1.95
C ASP A 257 4.42 -14.55 -1.45
N PHE A 258 3.71 -13.42 -1.40
CA PHE A 258 2.41 -13.41 -0.74
C PHE A 258 1.32 -13.17 -1.78
N GLU A 259 1.56 -13.64 -3.00
CA GLU A 259 0.65 -13.54 -4.13
C GLU A 259 -0.75 -14.10 -3.85
N TYR A 260 -0.89 -15.10 -2.98
CA TYR A 260 -2.19 -15.74 -2.79
C TYR A 260 -2.72 -15.52 -1.38
N SER A 261 -1.99 -14.72 -0.60
CA SER A 261 -2.32 -14.36 0.78
C SER A 261 -3.69 -13.71 0.85
N SER A 262 -4.45 -14.06 1.89
CA SER A 262 -5.80 -13.58 2.07
C SER A 262 -6.29 -14.16 3.39
N TYR A 263 -7.44 -13.63 3.87
CA TYR A 263 -8.09 -14.22 5.03
C TYR A 263 -8.69 -15.54 4.55
N ASN A 264 -8.43 -16.61 5.30
CA ASN A 264 -8.75 -17.96 4.88
C ASN A 264 -8.75 -18.81 6.14
N TYR A 265 -9.27 -20.04 6.02
CA TYR A 265 -9.24 -20.96 7.14
C TYR A 265 -7.80 -21.40 7.40
N ARG A 266 -7.38 -21.30 8.67
CA ARG A 266 -6.04 -21.63 9.11
C ARG A 266 -5.70 -23.08 8.72
N GLY A 267 -6.70 -23.96 8.68
CA GLY A 267 -6.46 -25.35 8.33
C GLY A 267 -5.88 -25.48 6.93
N PHE A 268 -6.31 -24.58 6.04
CA PHE A 268 -5.81 -24.57 4.68
C PHE A 268 -4.29 -24.29 4.65
N ASP A 269 -3.85 -23.24 5.35
CA ASP A 269 -2.45 -22.85 5.34
C ASP A 269 -1.56 -24.02 5.81
N ILE A 270 -1.95 -24.69 6.91
CA ILE A 270 -1.19 -25.79 7.50
C ILE A 270 -1.31 -27.06 6.65
N GLY A 271 -2.53 -27.46 6.29
CA GLY A 271 -2.74 -28.62 5.43
C GLY A 271 -1.99 -28.49 4.10
N ASN A 272 -2.07 -27.30 3.50
CA ASN A 272 -1.37 -27.01 2.27
C ASN A 272 0.14 -27.18 2.44
N HIS A 273 0.68 -26.72 3.57
CA HIS A 273 2.11 -26.82 3.82
C HIS A 273 2.53 -28.28 3.98
N PHE A 274 1.74 -29.08 4.69
CA PHE A 274 2.00 -30.51 4.85
C PHE A 274 2.10 -31.16 3.47
N CYS A 275 1.18 -30.79 2.55
CA CYS A 275 1.05 -31.39 1.24
C CYS A 275 2.33 -31.17 0.46
N GLU A 276 2.94 -30.00 0.70
CA GLU A 276 4.13 -29.56 -0.01
C GLU A 276 5.33 -30.42 0.41
N TRP A 277 5.15 -31.25 1.45
CA TRP A 277 6.23 -32.14 1.82
C TRP A 277 6.44 -33.18 0.72
N MET A 278 5.36 -33.49 -0.04
CA MET A 278 5.36 -34.54 -1.04
C MET A 278 5.89 -34.06 -2.40
N TYR A 279 6.02 -32.75 -2.62
CA TYR A 279 6.29 -32.24 -3.95
C TYR A 279 7.62 -31.53 -4.01
N ASP A 280 8.46 -31.96 -4.97
CA ASP A 280 9.78 -31.40 -5.25
C ASP A 280 9.79 -30.84 -6.68
N TYR A 281 9.95 -29.51 -6.79
CA TYR A 281 9.87 -28.78 -8.05
C TYR A 281 11.25 -28.56 -8.66
N SER A 282 12.28 -29.25 -8.12
CA SER A 282 13.64 -29.02 -8.58
C SER A 282 14.10 -30.06 -9.61
N TYR A 283 13.36 -31.17 -9.75
CA TYR A 283 13.61 -32.22 -10.71
C TYR A 283 13.86 -31.62 -12.11
N GLU A 284 14.91 -32.09 -12.77
CA GLU A 284 15.43 -31.44 -13.97
C GLU A 284 14.86 -32.03 -15.26
N LYS A 285 14.13 -33.16 -15.18
CA LYS A 285 13.52 -33.82 -16.32
C LYS A 285 11.99 -33.70 -16.26
N TYR A 286 11.33 -33.81 -17.43
CA TYR A 286 9.88 -33.79 -17.52
C TYR A 286 9.30 -34.79 -16.50
N PRO A 287 8.22 -34.51 -15.74
CA PRO A 287 7.40 -33.28 -15.84
C PRO A 287 7.88 -32.11 -14.97
N PHE A 288 9.07 -32.24 -14.39
CA PHE A 288 9.76 -31.13 -13.76
C PHE A 288 9.29 -30.98 -12.32
N PHE A 289 8.83 -32.10 -11.76
CA PHE A 289 8.46 -32.27 -10.37
C PHE A 289 8.54 -33.77 -10.08
N ARG A 290 8.72 -34.12 -8.81
CA ARG A 290 8.55 -35.49 -8.33
C ARG A 290 7.56 -35.43 -7.16
N ALA A 291 6.66 -36.42 -7.10
CA ALA A 291 5.69 -36.53 -6.03
C ALA A 291 5.93 -37.82 -5.27
N ASN A 292 5.82 -37.73 -3.94
CA ASN A 292 6.07 -38.85 -3.05
C ASN A 292 5.11 -38.79 -1.86
N ILE A 293 4.05 -39.59 -1.96
CA ILE A 293 2.98 -39.69 -0.99
C ILE A 293 3.53 -40.11 0.38
N ARG A 294 4.65 -40.87 0.38
CA ARG A 294 5.26 -41.38 1.61
C ARG A 294 5.98 -40.29 2.39
N LYS A 295 6.26 -39.14 1.75
CA LYS A 295 6.92 -38.05 2.45
C LYS A 295 5.91 -37.11 3.11
N TYR A 296 4.61 -37.40 3.03
CA TYR A 296 3.64 -36.63 3.80
C TYR A 296 3.98 -36.76 5.28
N PRO A 297 3.96 -35.68 6.12
CA PRO A 297 4.37 -35.80 7.52
C PRO A 297 3.59 -36.89 8.26
N THR A 298 4.32 -37.72 9.03
CA THR A 298 3.77 -38.72 9.93
C THR A 298 3.04 -38.00 11.05
N LYS A 299 2.13 -38.70 11.75
CA LYS A 299 1.46 -38.11 12.91
C LYS A 299 2.47 -37.37 13.80
N LYS A 300 3.66 -37.98 14.04
CA LYS A 300 4.64 -37.44 14.97
C LYS A 300 5.19 -36.11 14.46
N GLN A 301 5.55 -36.10 13.17
CA GLN A 301 6.01 -34.90 12.47
C GLN A 301 4.94 -33.80 12.45
N GLN A 302 3.66 -34.17 12.29
CA GLN A 302 2.56 -33.22 12.30
C GLN A 302 2.38 -32.62 13.69
N LEU A 303 2.51 -33.45 14.75
CA LEU A 303 2.39 -32.97 16.12
C LEU A 303 3.52 -31.99 16.48
N HIS A 304 4.71 -32.24 15.93
CA HIS A 304 5.86 -31.41 16.20
C HIS A 304 5.62 -30.03 15.60
N PHE A 305 5.13 -30.00 14.37
CA PHE A 305 4.76 -28.75 13.72
C PHE A 305 3.73 -27.98 14.56
N ILE A 306 2.59 -28.62 14.84
CA ILE A 306 1.52 -27.87 15.49
C ILE A 306 1.91 -27.51 16.94
N SER A 307 2.76 -28.33 17.56
CA SER A 307 3.24 -28.07 18.90
C SER A 307 3.98 -26.74 18.93
N SER A 308 4.55 -26.40 17.79
CA SER A 308 5.33 -25.19 17.78
C SER A 308 4.47 -24.05 17.23
N TYR A 309 3.44 -24.40 16.45
CA TYR A 309 2.52 -23.41 15.91
C TYR A 309 1.70 -22.79 17.04
N LEU A 310 1.13 -23.64 17.91
CA LEU A 310 0.07 -23.27 18.84
C LEU A 310 0.55 -22.23 19.88
N PRO A 311 1.67 -22.46 20.61
CA PRO A 311 2.17 -21.45 21.54
C PRO A 311 2.44 -20.12 20.86
N ALA A 312 2.90 -20.19 19.62
CA ALA A 312 3.29 -19.01 18.85
C ALA A 312 2.04 -18.22 18.46
N PHE A 313 0.93 -18.92 18.24
CA PHE A 313 -0.25 -18.27 17.70
C PHE A 313 -1.10 -17.71 18.83
N GLN A 314 -1.29 -18.53 19.87
CA GLN A 314 -2.12 -18.28 21.05
C GLN A 314 -1.17 -18.30 22.25
N ASN A 315 -0.79 -17.12 22.75
CA ASN A 315 0.39 -17.01 23.60
C ASN A 315 0.22 -17.75 24.93
N ASP A 316 -1.02 -17.82 25.42
CA ASP A 316 -1.35 -18.46 26.69
C ASP A 316 -1.45 -19.99 26.57
N PHE A 317 -1.23 -20.55 25.37
CA PHE A 317 -1.47 -21.97 25.09
C PHE A 317 -0.60 -22.82 26.01
N GLU A 318 0.60 -22.33 26.29
CA GLU A 318 1.60 -23.00 27.12
C GLU A 318 1.02 -23.42 28.47
N ASN A 319 -0.01 -22.67 28.91
CA ASN A 319 -0.46 -22.68 30.29
C ASN A 319 -1.77 -23.46 30.43
N LEU A 320 -2.12 -24.28 29.43
CA LEU A 320 -3.28 -25.14 29.57
C LEU A 320 -2.84 -26.44 30.22
N SER A 321 -3.83 -27.25 30.62
CA SER A 321 -3.57 -28.56 31.18
C SER A 321 -3.11 -29.50 30.06
N THR A 322 -2.26 -30.46 30.43
CA THR A 322 -1.84 -31.53 29.55
C THR A 322 -3.04 -32.11 28.79
N GLU A 323 -4.05 -32.56 29.55
CA GLU A 323 -5.28 -33.07 28.97
C GLU A 323 -5.77 -32.10 27.89
N GLU A 324 -5.87 -30.80 28.23
CA GLU A 324 -6.49 -29.82 27.36
C GLU A 324 -5.69 -29.62 26.09
N LYS A 325 -4.36 -29.71 26.21
CA LYS A 325 -3.45 -29.46 25.10
C LYS A 325 -3.64 -30.56 24.07
N SER A 326 -3.66 -31.81 24.56
CA SER A 326 -3.84 -33.00 23.74
C SER A 326 -5.19 -32.96 23.01
N ILE A 327 -6.25 -32.54 23.69
CA ILE A 327 -7.55 -32.44 23.03
C ILE A 327 -7.42 -31.51 21.82
N ILE A 328 -6.77 -30.35 22.02
CA ILE A 328 -6.69 -29.30 21.02
C ILE A 328 -5.85 -29.80 19.84
N LYS A 329 -4.85 -30.62 20.15
CA LYS A 329 -3.91 -31.11 19.17
C LYS A 329 -4.59 -32.12 18.26
N GLU A 330 -5.33 -33.05 18.89
CA GLU A 330 -6.07 -34.09 18.19
C GLU A 330 -7.13 -33.43 17.31
N GLU A 331 -7.82 -32.41 17.83
CA GLU A 331 -8.80 -31.74 17.01
C GLU A 331 -8.11 -31.07 15.82
N MET A 332 -6.93 -30.52 16.10
CA MET A 332 -6.19 -29.79 15.09
C MET A 332 -5.68 -30.73 14.00
N LEU A 333 -5.34 -31.97 14.35
CA LEU A 333 -4.87 -32.92 13.35
C LEU A 333 -6.00 -33.28 12.39
N LEU A 334 -7.21 -33.48 12.92
CA LEU A 334 -8.39 -33.73 12.10
C LEU A 334 -8.64 -32.57 11.14
N GLU A 335 -8.58 -31.35 11.68
CA GLU A 335 -8.86 -30.12 10.95
C GLU A 335 -7.85 -29.91 9.79
N VAL A 336 -6.55 -30.07 10.08
CA VAL A 336 -5.56 -29.70 9.07
C VAL A 336 -5.54 -30.75 7.96
N ASN A 337 -5.87 -32.01 8.31
CA ASN A 337 -5.77 -33.11 7.37
C ASN A 337 -6.97 -33.10 6.45
N ARG A 338 -8.06 -32.49 6.94
CA ARG A 338 -9.23 -32.30 6.10
C ARG A 338 -8.97 -31.18 5.09
N PHE A 339 -8.46 -30.04 5.56
CA PHE A 339 -8.20 -28.90 4.68
C PHE A 339 -7.12 -29.23 3.64
N ALA A 340 -6.24 -30.19 3.99
CA ALA A 340 -5.25 -30.71 3.07
C ALA A 340 -5.93 -31.13 1.77
N LEU A 341 -7.18 -31.64 1.85
CA LEU A 341 -7.95 -32.05 0.69
C LEU A 341 -8.23 -30.86 -0.22
N ALA A 342 -8.40 -29.66 0.36
CA ALA A 342 -8.71 -28.49 -0.42
C ALA A 342 -7.45 -28.00 -1.13
N SER A 343 -6.27 -28.33 -0.57
CA SER A 343 -5.02 -27.97 -1.22
C SER A 343 -4.83 -28.79 -2.49
N HIS A 344 -5.05 -30.11 -2.42
CA HIS A 344 -5.00 -30.94 -3.61
C HIS A 344 -5.99 -30.47 -4.66
N PHE A 345 -7.24 -30.28 -4.22
CA PHE A 345 -8.31 -29.92 -5.13
C PHE A 345 -8.03 -28.58 -5.83
N LEU A 346 -7.68 -27.53 -5.07
CA LEU A 346 -7.49 -26.17 -5.59
C LEU A 346 -6.29 -26.16 -6.54
N TRP A 347 -5.19 -26.77 -6.13
CA TRP A 347 -3.97 -26.68 -6.92
C TRP A 347 -4.08 -27.59 -8.14
N GLY A 348 -4.79 -28.71 -7.96
CA GLY A 348 -5.20 -29.55 -9.07
C GLY A 348 -5.89 -28.72 -10.17
N LEU A 349 -6.99 -28.03 -9.79
CA LEU A 349 -7.75 -27.27 -10.77
C LEU A 349 -6.81 -26.23 -11.38
N TRP A 350 -6.01 -25.58 -10.52
CA TRP A 350 -5.17 -24.45 -10.87
C TRP A 350 -4.23 -24.85 -11.99
N SER A 351 -3.72 -26.08 -11.84
CA SER A 351 -2.72 -26.69 -12.69
C SER A 351 -3.31 -27.00 -14.06
N ILE A 352 -4.59 -27.40 -14.13
CA ILE A 352 -5.23 -27.63 -15.42
C ILE A 352 -5.29 -26.33 -16.24
N VAL A 353 -5.80 -25.26 -15.63
CA VAL A 353 -5.73 -23.93 -16.21
C VAL A 353 -4.29 -23.58 -16.64
N GLN A 354 -3.31 -23.72 -15.73
CA GLN A 354 -1.94 -23.35 -16.07
C GLN A 354 -1.47 -24.06 -17.34
N ALA A 355 -1.91 -25.31 -17.55
CA ALA A 355 -1.55 -26.11 -18.71
C ALA A 355 -1.99 -25.41 -20.00
N LYS A 356 -3.13 -24.72 -19.97
CA LYS A 356 -3.61 -23.96 -21.11
C LYS A 356 -2.75 -22.73 -21.34
N ILE A 357 -2.48 -21.94 -20.27
CA ILE A 357 -2.10 -20.54 -20.40
C ILE A 357 -0.66 -20.26 -19.95
N SER A 358 0.00 -21.21 -19.28
CA SER A 358 1.32 -20.91 -18.74
C SER A 358 2.39 -20.97 -19.82
N SER A 359 3.37 -20.07 -19.71
CA SER A 359 4.55 -20.02 -20.57
C SER A 359 5.69 -20.83 -19.97
N ILE A 360 5.50 -21.35 -18.75
CA ILE A 360 6.57 -21.97 -17.98
C ILE A 360 6.68 -23.44 -18.37
N GLU A 361 7.90 -23.91 -18.56
CA GLU A 361 8.11 -25.30 -18.93
C GLU A 361 7.87 -26.18 -17.70
N PHE A 362 6.72 -26.85 -17.66
CA PHE A 362 6.35 -27.65 -16.50
C PHE A 362 5.23 -28.64 -16.89
N GLY A 363 5.23 -29.81 -16.24
CA GLY A 363 4.20 -30.80 -16.52
C GLY A 363 2.95 -30.58 -15.67
N TYR A 364 2.13 -29.60 -16.09
CA TYR A 364 0.95 -29.19 -15.34
C TYR A 364 -0.10 -30.31 -15.25
N MET A 365 -0.43 -30.92 -16.39
CA MET A 365 -1.44 -31.95 -16.46
C MET A 365 -1.02 -33.16 -15.62
N ASP A 366 0.28 -33.46 -15.59
CA ASP A 366 0.76 -34.54 -14.73
C ASP A 366 0.66 -34.17 -13.25
N TYR A 367 1.01 -32.90 -12.95
CA TYR A 367 0.93 -32.35 -11.59
C TYR A 367 -0.52 -32.36 -11.11
N ALA A 368 -1.45 -31.93 -11.98
CA ALA A 368 -2.88 -31.97 -11.68
C ALA A 368 -3.32 -33.39 -11.33
N GLN A 369 -2.91 -34.37 -12.14
CA GLN A 369 -3.23 -35.77 -11.89
C GLN A 369 -2.63 -36.23 -10.56
N ALA A 370 -1.41 -35.76 -10.23
CA ALA A 370 -0.80 -36.16 -8.97
C ALA A 370 -1.59 -35.58 -7.80
N ARG A 371 -2.10 -34.35 -7.94
CA ARG A 371 -2.89 -33.72 -6.87
C ARG A 371 -4.21 -34.47 -6.67
N PHE A 372 -4.85 -34.88 -7.77
CA PHE A 372 -6.08 -35.66 -7.64
C PHE A 372 -5.81 -37.07 -7.09
N ASP A 373 -4.72 -37.70 -7.52
CA ASP A 373 -4.39 -38.97 -6.92
C ASP A 373 -4.35 -38.82 -5.41
N ALA A 374 -3.65 -37.76 -4.96
CA ALA A 374 -3.32 -37.58 -3.56
C ALA A 374 -4.59 -37.18 -2.83
N TYR A 375 -5.46 -36.44 -3.54
CA TYR A 375 -6.77 -36.07 -3.03
C TYR A 375 -7.57 -37.33 -2.65
N PHE A 376 -7.79 -38.25 -3.61
CA PHE A 376 -8.50 -39.50 -3.33
C PHE A 376 -7.74 -40.36 -2.32
N HIS A 377 -6.40 -40.35 -2.37
CA HIS A 377 -5.65 -41.18 -1.43
C HIS A 377 -5.92 -40.71 0.00
N GLN A 378 -6.00 -39.37 0.13
CA GLN A 378 -6.22 -38.72 1.41
C GLN A 378 -7.66 -39.01 1.88
N LYS A 379 -8.66 -38.82 1.00
CA LYS A 379 -10.02 -39.18 1.41
C LYS A 379 -10.09 -40.61 1.95
N ARG A 380 -9.40 -41.54 1.28
CA ARG A 380 -9.33 -42.94 1.70
C ARG A 380 -8.65 -43.07 3.07
N LYS A 381 -7.48 -42.44 3.24
CA LYS A 381 -6.81 -42.52 4.53
C LYS A 381 -7.73 -42.02 5.65
N LEU A 382 -8.62 -41.05 5.36
CA LEU A 382 -9.37 -40.35 6.40
C LEU A 382 -10.72 -41.03 6.64
N GLY A 383 -11.15 -41.88 5.72
CA GLY A 383 -12.46 -42.48 5.86
C GLY A 383 -13.56 -41.48 5.51
N VAL A 384 -13.25 -40.57 4.58
CA VAL A 384 -14.19 -39.54 4.18
C VAL A 384 -14.54 -39.81 2.70
N GLN B 9 -27.90 12.33 5.43
CA GLN B 9 -28.13 10.89 5.12
C GLN B 9 -27.69 10.62 3.68
N PRO B 10 -27.05 9.44 3.39
CA PRO B 10 -26.68 9.06 2.02
C PRO B 10 -27.73 8.22 1.30
N GLU B 11 -27.50 7.97 0.00
CA GLU B 11 -28.43 7.23 -0.84
C GLU B 11 -28.63 5.84 -0.25
N PRO B 12 -29.83 5.23 -0.40
CA PRO B 12 -30.08 3.87 0.13
C PRO B 12 -29.10 2.80 -0.36
N ARG B 13 -28.74 2.85 -1.66
CA ARG B 13 -27.86 1.88 -2.30
C ARG B 13 -26.41 2.13 -1.87
N THR B 14 -26.19 3.11 -0.98
CA THR B 14 -24.86 3.44 -0.52
C THR B 14 -24.71 3.02 0.93
N ARG B 15 -25.73 3.32 1.73
CA ARG B 15 -25.81 2.88 3.11
C ARG B 15 -25.56 1.37 3.15
N ARG B 16 -26.14 0.66 2.17
CA ARG B 16 -26.11 -0.80 2.09
C ARG B 16 -24.66 -1.26 1.90
N ARG B 17 -23.98 -0.67 0.90
CA ARG B 17 -22.61 -1.00 0.54
C ARG B 17 -21.66 -0.65 1.69
N ALA B 18 -21.90 0.51 2.34
CA ALA B 18 -21.10 0.94 3.48
C ALA B 18 -21.21 -0.11 4.59
N TYR B 19 -22.47 -0.50 4.86
CA TYR B 19 -22.76 -1.52 5.87
C TYR B 19 -21.88 -2.75 5.64
N LEU B 20 -21.84 -3.22 4.38
CA LEU B 20 -21.17 -4.45 3.99
C LEU B 20 -19.67 -4.35 4.25
N TRP B 21 -19.03 -3.31 3.66
CA TRP B 21 -17.62 -3.05 3.88
C TRP B 21 -17.30 -3.08 5.36
N CYS B 22 -18.15 -2.44 6.18
CA CYS B 22 -17.87 -2.32 7.60
C CYS B 22 -17.96 -3.70 8.26
N LYS B 23 -19.02 -4.44 7.92
CA LYS B 23 -19.33 -5.76 8.43
C LYS B 23 -18.20 -6.73 8.06
N GLU B 24 -17.76 -6.70 6.79
CA GLU B 24 -16.79 -7.63 6.25
C GLU B 24 -15.35 -7.25 6.59
N PHE B 25 -15.02 -5.96 6.71
CA PHE B 25 -13.63 -5.54 6.93
C PHE B 25 -13.30 -5.30 8.40
N LEU B 26 -14.26 -4.82 9.20
CA LEU B 26 -13.95 -4.44 10.56
C LEU B 26 -14.13 -5.62 11.52
N PRO B 27 -13.30 -5.73 12.57
CA PRO B 27 -13.43 -6.79 13.57
C PRO B 27 -14.36 -6.49 14.74
N GLY B 28 -14.60 -7.50 15.58
CA GLY B 28 -15.40 -7.38 16.79
C GLY B 28 -16.90 -7.28 16.49
N ALA B 29 -17.57 -6.39 17.24
CA ALA B 29 -19.02 -6.21 17.16
C ALA B 29 -19.48 -5.92 15.73
N TRP B 30 -18.62 -5.28 14.93
CA TRP B 30 -18.89 -5.02 13.51
C TRP B 30 -19.27 -6.30 12.76
N ARG B 31 -18.64 -7.43 13.11
CA ARG B 31 -18.84 -8.66 12.36
C ARG B 31 -20.27 -9.17 12.53
N GLY B 32 -20.85 -8.92 13.71
CA GLY B 32 -22.16 -9.46 14.03
C GLY B 32 -23.28 -8.42 14.00
N LEU B 33 -23.05 -7.35 13.23
CA LEU B 33 -23.96 -6.20 13.19
C LEU B 33 -24.97 -6.41 12.06
N ARG B 34 -26.22 -6.06 12.36
CA ARG B 34 -27.32 -6.12 11.41
C ARG B 34 -27.50 -4.75 10.76
N GLU B 35 -27.90 -4.76 9.48
CA GLU B 35 -28.18 -3.59 8.67
C GLU B 35 -28.91 -2.52 9.48
N ASP B 36 -29.91 -2.94 10.27
CA ASP B 36 -30.80 -2.03 10.96
C ASP B 36 -30.12 -1.39 12.18
N GLU B 37 -28.93 -1.85 12.55
CA GLU B 37 -28.20 -1.24 13.65
C GLU B 37 -27.15 -0.25 13.13
N PHE B 38 -26.98 -0.18 11.81
CA PHE B 38 -25.87 0.52 11.18
C PHE B 38 -26.11 2.02 11.07
N HIS B 39 -25.31 2.81 11.80
CA HIS B 39 -25.33 4.27 11.77
C HIS B 39 -24.28 4.78 10.80
N ILE B 40 -24.69 5.61 9.83
CA ILE B 40 -23.80 6.30 8.92
C ILE B 40 -24.30 7.73 8.66
N SER B 41 -23.41 8.73 8.75
CA SER B 41 -23.76 10.06 8.28
C SER B 41 -22.68 10.62 7.35
N VAL B 42 -23.06 11.53 6.45
CA VAL B 42 -22.18 12.13 5.45
C VAL B 42 -21.35 13.21 6.11
N ILE B 43 -20.03 13.20 5.86
CA ILE B 43 -19.12 14.24 6.36
C ILE B 43 -18.78 15.21 5.23
N ARG B 44 -18.55 14.70 4.03
CA ARG B 44 -18.24 15.53 2.87
C ARG B 44 -18.85 14.86 1.65
N GLY B 45 -19.72 15.60 0.95
CA GLY B 45 -20.31 15.20 -0.32
C GLY B 45 -19.39 15.48 -1.51
N GLY B 46 -20.02 15.90 -2.62
CA GLY B 46 -19.35 15.98 -3.92
C GLY B 46 -19.61 14.70 -4.70
N LEU B 47 -18.72 14.40 -5.66
CA LEU B 47 -18.81 13.16 -6.40
C LEU B 47 -17.40 12.58 -6.59
N SER B 48 -16.45 13.12 -5.81
CA SER B 48 -15.16 12.47 -5.70
C SER B 48 -14.69 12.55 -4.25
N ASN B 49 -13.93 11.52 -3.80
CA ASN B 49 -13.36 11.40 -2.47
C ASN B 49 -14.35 11.73 -1.35
N MET B 50 -15.54 11.13 -1.33
CA MET B 50 -16.54 11.48 -0.32
C MET B 50 -16.21 10.83 1.04
N LEU B 51 -16.71 11.42 2.13
CA LEU B 51 -16.38 10.99 3.48
C LEU B 51 -17.67 10.75 4.27
N PHE B 52 -17.72 9.59 4.94
CA PHE B 52 -18.83 9.25 5.82
C PHE B 52 -18.30 8.78 7.17
N GLN B 53 -19.03 9.13 8.23
CA GLN B 53 -18.82 8.59 9.56
C GLN B 53 -19.72 7.36 9.72
N CYS B 54 -19.12 6.24 10.12
CA CYS B 54 -19.85 5.02 10.42
C CYS B 54 -19.55 4.63 11.86
N SER B 55 -20.55 4.07 12.55
CA SER B 55 -20.39 3.66 13.94
C SER B 55 -21.36 2.56 14.34
N LEU B 56 -21.03 1.91 15.45
CA LEU B 56 -21.93 1.02 16.17
C LEU B 56 -23.01 1.84 16.87
N PRO B 57 -24.23 1.25 17.11
CA PRO B 57 -25.16 1.77 18.11
C PRO B 57 -24.45 1.98 19.44
N ASP B 58 -24.93 2.94 20.24
CA ASP B 58 -24.35 3.20 21.56
C ASP B 58 -24.68 2.05 22.51
N THR B 59 -25.80 1.34 22.23
CA THR B 59 -26.21 0.19 23.02
C THR B 59 -25.22 -0.97 22.85
N THR B 60 -24.68 -1.14 21.64
CA THR B 60 -23.76 -2.25 21.39
C THR B 60 -22.45 -2.02 22.15
N ALA B 61 -21.93 -3.10 22.74
CA ALA B 61 -20.64 -3.01 23.40
C ALA B 61 -19.58 -3.61 22.48
N THR B 62 -18.34 -3.13 22.64
CA THR B 62 -17.19 -3.65 21.92
C THR B 62 -16.77 -4.99 22.53
N LEU B 63 -16.34 -5.92 21.66
CA LEU B 63 -15.83 -7.22 22.08
C LEU B 63 -14.41 -7.07 22.60
N GLY B 64 -13.57 -6.39 21.80
CA GLY B 64 -12.18 -6.17 22.14
C GLY B 64 -11.72 -4.74 21.83
N ASP B 65 -10.77 -4.62 20.89
CA ASP B 65 -10.05 -3.38 20.66
C ASP B 65 -10.57 -2.66 19.40
N GLU B 66 -11.59 -3.23 18.74
CA GLU B 66 -12.18 -2.61 17.57
C GLU B 66 -12.65 -1.19 17.89
N PRO B 67 -12.79 -0.30 16.88
CA PRO B 67 -13.27 1.06 17.11
C PRO B 67 -14.79 1.16 16.98
N ARG B 68 -15.34 2.17 17.68
CA ARG B 68 -16.78 2.36 17.77
C ARG B 68 -17.25 3.14 16.54
N LYS B 69 -16.30 3.85 15.91
CA LYS B 69 -16.55 4.85 14.89
C LYS B 69 -15.41 4.78 13.86
N VAL B 70 -15.75 4.69 12.58
CA VAL B 70 -14.76 4.72 11.51
C VAL B 70 -15.10 5.79 10.46
N LEU B 71 -14.10 6.19 9.68
CA LEU B 71 -14.40 6.98 8.50
C LEU B 71 -14.30 6.12 7.23
N LEU B 72 -15.28 6.31 6.34
CA LEU B 72 -15.32 5.66 5.03
C LEU B 72 -15.07 6.72 3.97
N ARG B 73 -14.09 6.43 3.10
CA ARG B 73 -13.68 7.28 2.00
C ARG B 73 -14.06 6.58 0.70
N LEU B 74 -14.79 7.29 -0.16
CA LEU B 74 -15.25 6.74 -1.44
C LEU B 74 -14.67 7.56 -2.59
N TYR B 75 -13.77 6.94 -3.36
CA TYR B 75 -13.04 7.57 -4.44
C TYR B 75 -13.96 8.25 -5.45
N GLY B 76 -14.94 7.49 -6.00
CA GLY B 76 -15.73 7.97 -7.13
C GLY B 76 -14.86 8.20 -8.38
N ALA B 77 -14.80 9.45 -8.85
CA ALA B 77 -13.84 9.95 -9.82
C ALA B 77 -14.59 10.84 -10.83
N GLU B 102 -3.11 3.33 -11.11
CA GLU B 102 -1.87 4.06 -11.50
C GLU B 102 -1.47 5.01 -10.36
N ALA B 103 -2.27 6.08 -10.19
CA ALA B 103 -2.16 7.01 -9.08
C ALA B 103 -2.74 6.36 -7.82
N MET B 104 -3.51 5.29 -8.07
CA MET B 104 -4.32 4.56 -7.11
C MET B 104 -3.45 3.79 -6.12
N VAL B 105 -2.48 3.04 -6.68
CA VAL B 105 -1.52 2.24 -5.93
C VAL B 105 -0.74 3.16 -5.00
N LEU B 106 -0.36 4.32 -5.51
CA LEU B 106 0.58 5.18 -4.80
C LEU B 106 -0.08 5.78 -3.56
N GLU B 107 -1.33 6.25 -3.70
CA GLU B 107 -2.06 6.79 -2.55
C GLU B 107 -2.23 5.68 -1.51
N SER B 108 -2.63 4.50 -1.98
CA SER B 108 -2.91 3.36 -1.11
C SER B 108 -1.66 2.96 -0.34
N VAL B 109 -0.53 2.83 -1.04
CA VAL B 109 0.68 2.34 -0.40
C VAL B 109 1.12 3.40 0.60
N MET B 110 1.05 4.66 0.17
CA MET B 110 1.46 5.78 0.97
C MET B 110 0.62 5.85 2.24
N PHE B 111 -0.70 5.79 2.06
CA PHE B 111 -1.62 5.85 3.19
C PHE B 111 -1.35 4.70 4.16
N ALA B 112 -1.08 3.52 3.63
CA ALA B 112 -0.77 2.36 4.46
C ALA B 112 0.53 2.58 5.23
N ILE B 113 1.52 3.15 4.55
CA ILE B 113 2.79 3.38 5.23
C ILE B 113 2.64 4.40 6.37
N LEU B 114 2.04 5.57 6.06
CA LEU B 114 1.88 6.62 7.07
C LEU B 114 1.12 6.06 8.27
N ALA B 115 0.15 5.17 7.98
CA ALA B 115 -0.61 4.52 9.05
C ALA B 115 0.31 3.64 9.90
N GLU B 116 1.18 2.84 9.27
CA GLU B 116 2.06 1.95 10.02
C GLU B 116 2.99 2.79 10.90
N ARG B 117 3.36 3.98 10.41
CA ARG B 117 4.32 4.81 11.12
C ARG B 117 3.62 5.79 12.05
N SER B 118 2.29 5.65 12.20
CA SER B 118 1.51 6.37 13.18
C SER B 118 1.50 7.86 12.86
N LEU B 119 1.59 8.19 11.58
CA LEU B 119 1.63 9.59 11.21
C LEU B 119 0.30 10.00 10.58
N GLY B 120 -0.42 9.02 10.05
CA GLY B 120 -1.74 9.26 9.48
C GLY B 120 -2.77 8.43 10.22
N PRO B 121 -4.06 8.46 9.82
CA PRO B 121 -5.07 7.64 10.48
C PRO B 121 -4.73 6.19 10.17
N LYS B 122 -5.08 5.29 11.10
CA LYS B 122 -4.92 3.86 10.82
C LYS B 122 -5.80 3.48 9.63
N LEU B 123 -5.35 2.42 8.92
CA LEU B 123 -6.09 1.88 7.80
C LEU B 123 -6.77 0.60 8.23
N TYR B 124 -8.08 0.50 7.98
CA TYR B 124 -8.86 -0.61 8.50
C TYR B 124 -9.30 -1.56 7.39
N GLY B 125 -9.55 -1.00 6.21
CA GLY B 125 -9.98 -1.75 5.05
C GLY B 125 -9.69 -0.98 3.76
N ILE B 126 -9.23 -1.69 2.74
CA ILE B 126 -9.03 -1.05 1.44
C ILE B 126 -9.67 -1.91 0.36
N PHE B 127 -10.32 -1.27 -0.60
CA PHE B 127 -11.09 -2.00 -1.59
C PHE B 127 -11.07 -1.23 -2.90
N PRO B 128 -11.84 -1.63 -3.93
CA PRO B 128 -11.87 -0.90 -5.19
C PRO B 128 -12.44 0.51 -5.07
N GLN B 129 -13.59 0.66 -4.38
CA GLN B 129 -14.35 1.90 -4.40
C GLN B 129 -13.80 2.92 -3.39
N GLY B 130 -12.93 2.50 -2.46
CA GLY B 130 -12.57 3.36 -1.33
C GLY B 130 -11.88 2.64 -0.18
N ARG B 131 -12.00 3.20 1.04
CA ARG B 131 -11.26 2.65 2.16
C ARG B 131 -11.88 3.10 3.48
N LEU B 132 -11.60 2.31 4.53
CA LEU B 132 -12.05 2.56 5.89
C LEU B 132 -10.84 2.95 6.73
N GLU B 133 -10.95 4.13 7.35
CA GLU B 133 -9.84 4.77 8.03
C GLU B 133 -10.24 4.98 9.48
N GLN B 134 -9.25 5.16 10.35
CA GLN B 134 -9.47 5.62 11.70
C GLN B 134 -10.18 6.97 11.63
N PHE B 135 -11.18 7.15 12.49
CA PHE B 135 -11.83 8.44 12.67
C PHE B 135 -11.10 9.20 13.77
N ILE B 136 -10.48 10.33 13.40
CA ILE B 136 -9.71 11.15 14.32
C ILE B 136 -10.66 12.18 14.91
N PRO B 137 -10.98 12.09 16.22
CA PRO B 137 -11.84 13.07 16.88
C PRO B 137 -11.08 14.39 16.94
N SER B 138 -11.62 15.44 16.30
CA SER B 138 -10.84 16.62 15.96
C SER B 138 -11.73 17.63 15.22
N ARG B 139 -11.22 18.83 14.94
CA ARG B 139 -11.78 19.68 13.90
C ARG B 139 -10.65 20.17 12.98
N ARG B 140 -11.00 20.59 11.75
CA ARG B 140 -10.05 21.27 10.88
C ARG B 140 -9.74 22.66 11.47
N LEU B 141 -8.55 23.21 11.19
CA LEU B 141 -8.21 24.55 11.63
C LEU B 141 -8.94 25.56 10.75
N ASP B 142 -9.10 26.79 11.26
CA ASP B 142 -9.60 27.91 10.46
C ASP B 142 -8.39 28.70 9.96
N THR B 143 -8.54 29.44 8.86
CA THR B 143 -7.44 30.23 8.32
C THR B 143 -6.74 31.03 9.42
N GLU B 144 -7.53 31.72 10.26
CA GLU B 144 -6.98 32.68 11.22
C GLU B 144 -6.10 32.02 12.27
N GLU B 145 -6.22 30.69 12.49
CA GLU B 145 -5.40 29.95 13.46
C GLU B 145 -4.01 29.56 12.92
N LEU B 146 -3.76 29.73 11.63
CA LEU B 146 -2.45 29.42 11.08
C LEU B 146 -1.40 30.36 11.67
N SER B 147 -1.80 31.57 12.06
CA SER B 147 -0.87 32.59 12.51
C SER B 147 -0.60 32.50 14.01
N LEU B 148 -1.49 31.82 14.76
CA LEU B 148 -1.24 31.62 16.18
C LEU B 148 0.15 30.99 16.35
N PRO B 149 1.02 31.55 17.23
CA PRO B 149 2.40 31.06 17.38
C PRO B 149 2.59 29.57 17.67
N ASP B 150 1.83 29.02 18.62
CA ASP B 150 2.00 27.62 18.99
C ASP B 150 1.54 26.72 17.83
N ILE B 151 0.49 27.17 17.14
CA ILE B 151 -0.08 26.46 16.01
C ILE B 151 0.96 26.40 14.91
N SER B 152 1.39 27.58 14.46
CA SER B 152 2.41 27.76 13.43
C SER B 152 3.65 26.91 13.73
N ALA B 153 4.17 27.04 14.96
CA ALA B 153 5.38 26.36 15.39
C ALA B 153 5.20 24.85 15.20
N GLU B 154 4.05 24.32 15.62
CA GLU B 154 3.83 22.88 15.52
C GLU B 154 3.62 22.42 14.08
N ILE B 155 2.94 23.24 13.28
CA ILE B 155 2.77 22.89 11.87
C ILE B 155 4.16 22.68 11.26
N ALA B 156 5.11 23.50 11.68
CA ALA B 156 6.45 23.49 11.11
C ALA B 156 7.14 22.20 11.52
N GLU B 157 6.83 21.73 12.73
CA GLU B 157 7.46 20.53 13.25
C GLU B 157 6.96 19.33 12.44
N LYS B 158 5.63 19.27 12.30
CA LYS B 158 4.99 18.13 11.68
C LYS B 158 5.47 18.07 10.23
N MET B 159 5.56 19.25 9.61
CA MET B 159 6.02 19.35 8.23
C MET B 159 7.46 18.84 8.14
N ALA B 160 8.27 19.18 9.13
CA ALA B 160 9.68 18.79 9.11
C ALA B 160 9.78 17.28 9.25
N THR B 161 8.99 16.71 10.18
CA THR B 161 8.92 15.28 10.40
C THR B 161 8.61 14.59 9.07
N PHE B 162 7.53 15.05 8.44
CA PHE B 162 7.02 14.50 7.19
C PHE B 162 8.12 14.54 6.16
N HIS B 163 8.90 15.64 6.14
CA HIS B 163 9.94 15.82 5.15
C HIS B 163 11.08 14.83 5.38
N GLY B 164 11.20 14.35 6.63
CA GLY B 164 12.09 13.26 6.99
C GLY B 164 11.72 11.90 6.36
N MET B 165 10.43 11.66 6.06
CA MET B 165 9.97 10.35 5.63
C MET B 165 10.76 9.83 4.43
N LYS B 166 11.28 8.60 4.52
CA LYS B 166 11.62 7.82 3.34
C LYS B 166 10.34 7.15 2.82
N MET B 167 10.16 7.20 1.50
CA MET B 167 8.96 6.66 0.89
C MET B 167 9.38 6.00 -0.43
N PRO B 168 8.78 4.87 -0.83
CA PRO B 168 9.23 4.16 -2.03
C PRO B 168 8.69 4.82 -3.30
N PHE B 169 8.82 6.15 -3.38
CA PHE B 169 8.39 6.84 -4.58
C PHE B 169 9.59 7.47 -5.28
N ASN B 170 9.32 7.97 -6.50
CA ASN B 170 10.31 8.56 -7.40
C ASN B 170 10.97 9.75 -6.72
N LYS B 171 12.31 9.76 -6.65
CA LYS B 171 13.00 10.77 -5.87
C LYS B 171 13.35 11.99 -6.73
N GLU B 172 13.03 11.94 -8.03
CA GLU B 172 13.30 13.05 -8.95
C GLU B 172 12.21 14.11 -8.75
N PRO B 173 12.57 15.39 -8.54
CA PRO B 173 11.58 16.43 -8.27
C PRO B 173 10.81 16.90 -9.52
N LYS B 174 10.09 15.96 -10.14
CA LYS B 174 9.43 16.12 -11.43
C LYS B 174 8.03 16.73 -11.26
N TRP B 175 7.49 16.61 -10.03
CA TRP B 175 6.08 16.79 -9.77
C TRP B 175 5.65 18.23 -10.05
N LEU B 176 6.47 19.19 -9.60
CA LEU B 176 6.13 20.61 -9.63
C LEU B 176 5.93 21.08 -11.05
N PHE B 177 7.01 21.00 -11.85
CA PHE B 177 6.97 21.46 -13.23
C PHE B 177 6.15 20.50 -14.08
N GLY B 178 6.25 19.19 -13.80
CA GLY B 178 5.38 18.19 -14.40
C GLY B 178 3.92 18.65 -14.38
N THR B 179 3.44 19.00 -13.18
CA THR B 179 2.04 19.28 -12.99
C THR B 179 1.68 20.61 -13.64
N MET B 180 2.56 21.61 -13.52
CA MET B 180 2.24 22.89 -14.11
C MET B 180 2.18 22.76 -15.65
N GLU B 181 3.15 22.06 -16.22
CA GLU B 181 3.11 21.77 -17.65
C GLU B 181 1.79 21.10 -18.04
N LYS B 182 1.40 20.06 -17.29
CA LYS B 182 0.16 19.33 -17.55
C LYS B 182 -1.03 20.28 -17.47
N TYR B 183 -1.03 21.17 -16.46
CA TYR B 183 -2.17 22.06 -16.33
C TYR B 183 -2.15 23.11 -17.44
N LEU B 184 -0.97 23.67 -17.72
CA LEU B 184 -0.85 24.68 -18.76
C LEU B 184 -1.39 24.15 -20.09
N LYS B 185 -0.93 22.94 -20.44
CA LYS B 185 -1.36 22.24 -21.65
C LYS B 185 -2.90 22.22 -21.69
N GLU B 186 -3.51 21.71 -20.61
CA GLU B 186 -4.95 21.63 -20.52
C GLU B 186 -5.55 23.04 -20.64
N VAL B 187 -4.97 24.00 -19.89
CA VAL B 187 -5.45 25.37 -19.87
C VAL B 187 -5.53 25.89 -21.30
N LEU B 188 -4.46 25.70 -22.09
CA LEU B 188 -4.37 26.28 -23.42
C LEU B 188 -5.42 25.69 -24.36
N ARG B 189 -6.05 24.57 -23.98
CA ARG B 189 -7.02 23.91 -24.84
C ARG B 189 -8.46 24.28 -24.50
N ILE B 190 -8.69 25.06 -23.42
CA ILE B 190 -10.02 25.26 -22.88
C ILE B 190 -10.81 26.27 -23.72
N LYS B 191 -12.05 25.91 -24.07
CA LYS B 191 -12.99 26.83 -24.69
C LYS B 191 -14.25 26.86 -23.84
N PHE B 192 -14.56 28.00 -23.22
CA PHE B 192 -15.78 28.13 -22.42
C PHE B 192 -16.88 28.73 -23.30
N THR B 193 -18.14 28.51 -22.90
CA THR B 193 -19.23 29.03 -23.71
C THR B 193 -19.81 30.32 -23.12
N GLU B 194 -19.89 30.41 -21.79
CA GLU B 194 -20.53 31.52 -21.10
C GLU B 194 -19.61 32.74 -21.03
N GLU B 195 -20.20 33.93 -21.20
CA GLU B 195 -19.49 35.19 -21.36
C GLU B 195 -18.47 35.43 -20.25
N SER B 196 -18.97 35.48 -19.02
CA SER B 196 -18.21 35.80 -17.81
C SER B 196 -16.92 34.99 -17.74
N ARG B 197 -17.00 33.71 -18.15
CA ARG B 197 -15.89 32.78 -18.07
C ARG B 197 -14.91 33.01 -19.23
N ILE B 198 -15.45 33.39 -20.39
CA ILE B 198 -14.63 33.73 -21.55
C ILE B 198 -13.84 35.01 -21.24
N LYS B 199 -14.49 36.00 -20.60
CA LYS B 199 -13.81 37.23 -20.26
C LYS B 199 -12.59 36.93 -19.36
N LYS B 200 -12.80 36.19 -18.24
CA LYS B 200 -11.78 35.95 -17.22
C LYS B 200 -10.68 35.05 -17.72
N LEU B 201 -11.01 34.11 -18.62
CA LEU B 201 -9.97 33.26 -19.18
C LEU B 201 -9.05 34.09 -20.07
N HIS B 202 -9.63 35.03 -20.84
CA HIS B 202 -8.88 35.93 -21.70
C HIS B 202 -7.91 36.79 -20.89
N LYS B 203 -8.38 37.37 -19.76
CA LYS B 203 -7.48 38.19 -18.96
C LYS B 203 -6.27 37.37 -18.54
N LEU B 204 -6.50 36.09 -18.17
CA LEU B 204 -5.43 35.26 -17.66
C LEU B 204 -4.45 34.88 -18.77
N LEU B 205 -4.97 34.36 -19.91
CA LEU B 205 -4.17 33.87 -21.02
C LEU B 205 -3.21 34.96 -21.51
N SER B 206 -3.63 36.22 -21.40
CA SER B 206 -2.95 37.35 -22.02
C SER B 206 -1.73 37.76 -21.20
N TYR B 207 -1.53 37.15 -20.02
CA TYR B 207 -0.28 37.32 -19.29
C TYR B 207 0.84 36.54 -20.00
N ASN B 208 0.48 35.79 -21.07
CA ASN B 208 1.37 34.86 -21.75
C ASN B 208 1.90 33.85 -20.74
N LEU B 209 1.06 32.86 -20.43
CA LEU B 209 1.36 31.97 -19.32
C LEU B 209 2.56 31.08 -19.68
N PRO B 210 2.68 30.56 -20.93
CA PRO B 210 3.82 29.72 -21.30
C PRO B 210 5.16 30.43 -21.10
N LEU B 211 5.18 31.74 -21.35
CA LEU B 211 6.37 32.56 -21.13
C LEU B 211 6.59 32.78 -19.64
N GLU B 212 5.50 33.10 -18.93
CA GLU B 212 5.60 33.30 -17.49
C GLU B 212 6.18 32.06 -16.79
N LEU B 213 5.80 30.87 -17.30
CA LEU B 213 6.23 29.60 -16.73
C LEU B 213 7.74 29.48 -16.82
N GLU B 214 8.29 29.87 -17.99
CA GLU B 214 9.72 29.78 -18.29
C GLU B 214 10.48 30.72 -17.37
N ASN B 215 9.96 31.95 -17.22
CA ASN B 215 10.48 32.89 -16.24
C ASN B 215 10.63 32.22 -14.88
N LEU B 216 9.55 31.54 -14.44
CA LEU B 216 9.50 30.97 -13.10
C LEU B 216 10.49 29.79 -13.02
N ARG B 217 10.55 29.01 -14.10
CA ARG B 217 11.44 27.87 -14.19
C ARG B 217 12.87 28.33 -13.93
N SER B 218 13.34 29.23 -14.82
CA SER B 218 14.66 29.84 -14.74
C SER B 218 14.92 30.33 -13.31
N LEU B 219 13.98 31.13 -12.80
CA LEU B 219 14.09 31.70 -11.47
C LEU B 219 14.26 30.60 -10.43
N LEU B 220 13.55 29.47 -10.57
CA LEU B 220 13.63 28.48 -9.50
C LEU B 220 14.84 27.56 -9.70
N GLU B 221 15.30 27.43 -10.96
CA GLU B 221 16.53 26.74 -11.29
C GLU B 221 17.71 27.35 -10.53
N SER B 222 17.64 28.65 -10.21
CA SER B 222 18.73 29.27 -9.46
C SER B 222 18.39 29.40 -7.98
N THR B 223 17.47 28.56 -7.50
CA THR B 223 17.06 28.56 -6.10
C THR B 223 17.21 27.15 -5.55
N PRO B 224 18.35 26.83 -4.91
CA PRO B 224 18.56 25.50 -4.35
C PRO B 224 17.51 25.27 -3.27
N SER B 225 16.92 24.07 -3.29
CA SER B 225 15.92 23.63 -2.32
C SER B 225 15.98 22.12 -2.18
N PRO B 226 16.22 21.57 -0.97
CA PRO B 226 16.33 20.12 -0.81
C PRO B 226 15.05 19.38 -1.21
N VAL B 227 15.20 18.38 -2.09
CA VAL B 227 14.12 17.47 -2.46
C VAL B 227 13.81 16.54 -1.28
N VAL B 228 12.57 16.61 -0.78
CA VAL B 228 12.06 15.81 0.32
C VAL B 228 10.62 15.38 0.00
N PHE B 229 10.10 14.52 0.87
CA PHE B 229 8.75 14.02 0.72
C PHE B 229 7.81 15.11 1.26
N CYS B 230 7.04 15.70 0.35
CA CYS B 230 6.29 16.89 0.72
C CYS B 230 4.83 16.51 0.85
N HIS B 231 4.08 17.30 1.62
CA HIS B 231 2.63 17.20 1.64
C HIS B 231 2.06 17.79 0.36
N ASN B 232 2.46 19.03 0.04
CA ASN B 232 2.10 19.80 -1.15
C ASN B 232 0.73 20.46 -1.07
N ASP B 233 -0.03 20.26 0.02
CA ASP B 233 -1.35 20.89 0.12
C ASP B 233 -1.62 21.23 1.58
N CYS B 234 -0.62 21.80 2.24
CA CYS B 234 -0.71 21.93 3.68
C CYS B 234 -1.53 23.17 4.04
N GLN B 235 -2.84 23.13 3.73
CA GLN B 235 -3.80 24.17 4.11
C GLN B 235 -4.49 23.83 5.45
N GLU B 236 -5.23 24.81 6.01
CA GLU B 236 -5.88 24.66 7.30
C GLU B 236 -6.91 23.52 7.28
N GLY B 237 -7.57 23.32 6.13
CA GLY B 237 -8.53 22.24 5.94
C GLY B 237 -7.93 20.84 6.08
N ASN B 238 -6.59 20.73 6.00
CA ASN B 238 -5.89 19.47 5.95
C ASN B 238 -5.06 19.34 7.22
N ILE B 239 -5.38 20.19 8.20
CA ILE B 239 -4.75 20.10 9.51
C ILE B 239 -5.84 19.96 10.56
N LEU B 240 -5.77 18.86 11.31
CA LEU B 240 -6.72 18.51 12.35
C LEU B 240 -6.15 18.93 13.70
N LEU B 241 -7.00 19.60 14.49
CA LEU B 241 -6.78 19.89 15.89
C LEU B 241 -7.42 18.77 16.70
N LEU B 242 -6.58 17.89 17.26
CA LEU B 242 -7.02 16.70 17.97
C LEU B 242 -7.80 17.07 19.24
N GLU B 243 -8.99 16.49 19.40
CA GLU B 243 -9.83 16.64 20.58
C GLU B 243 -9.09 16.20 21.85
N GLY B 244 -9.26 16.99 22.91
CA GLY B 244 -8.71 16.70 24.22
C GLY B 244 -7.21 16.87 24.23
N ARG B 245 -6.73 17.93 23.56
CA ARG B 245 -5.31 18.24 23.45
C ARG B 245 -5.11 19.74 23.23
N GLU B 246 -6.22 20.50 23.21
CA GLU B 246 -6.20 21.94 22.97
C GLU B 246 -5.36 22.66 24.03
N ASN B 247 -5.00 21.94 25.09
CA ASN B 247 -4.09 22.42 26.12
C ASN B 247 -2.66 22.41 25.59
N SER B 248 -2.18 21.22 25.21
CA SER B 248 -0.78 20.94 24.88
C SER B 248 -0.23 21.95 23.87
N GLU B 249 0.92 22.56 24.22
CA GLU B 249 1.52 23.64 23.45
C GLU B 249 2.02 23.14 22.09
N LYS B 250 2.52 21.89 22.05
CA LYS B 250 3.41 21.45 20.99
C LYS B 250 2.96 20.14 20.31
N GLN B 251 1.82 19.54 20.73
CA GLN B 251 1.44 18.22 20.26
C GLN B 251 -0.08 18.06 20.10
N LYS B 252 -0.73 18.96 19.34
CA LYS B 252 -2.18 18.87 19.19
C LYS B 252 -2.67 18.84 17.73
N LEU B 253 -1.76 18.65 16.75
CA LEU B 253 -2.11 18.72 15.33
C LEU B 253 -1.74 17.42 14.62
N MET B 254 -2.46 17.11 13.52
CA MET B 254 -2.13 16.03 12.59
C MET B 254 -2.43 16.49 11.16
N LEU B 255 -1.46 16.32 10.26
CA LEU B 255 -1.64 16.56 8.83
C LEU B 255 -2.29 15.35 8.21
N ILE B 256 -3.31 15.62 7.38
CA ILE B 256 -4.11 14.60 6.72
C ILE B 256 -4.23 14.98 5.25
N ASP B 257 -4.84 14.08 4.47
CA ASP B 257 -5.17 14.28 3.07
C ASP B 257 -3.89 14.44 2.25
N PHE B 258 -3.36 13.30 1.79
CA PHE B 258 -2.05 13.26 1.17
C PHE B 258 -2.20 13.06 -0.33
N GLU B 259 -3.37 13.46 -0.83
CA GLU B 259 -3.72 13.38 -2.24
C GLU B 259 -2.59 13.88 -3.16
N TYR B 260 -1.86 14.94 -2.76
CA TYR B 260 -0.92 15.55 -3.70
C TYR B 260 0.53 15.25 -3.34
N SER B 261 0.75 14.47 -2.28
CA SER B 261 2.08 14.25 -1.73
C SER B 261 3.01 13.60 -2.75
N SER B 262 4.29 13.93 -2.65
CA SER B 262 5.31 13.42 -3.56
C SER B 262 6.66 14.00 -3.16
N TYR B 263 7.73 13.47 -3.74
CA TYR B 263 9.02 14.11 -3.57
C TYR B 263 8.99 15.41 -4.34
N ASN B 264 9.35 16.51 -3.66
CA ASN B 264 9.21 17.86 -4.18
C ASN B 264 10.27 18.71 -3.50
N TYR B 265 10.42 19.95 -4.00
CA TYR B 265 11.23 20.96 -3.35
C TYR B 265 10.58 21.34 -2.03
N ARG B 266 11.36 21.17 -0.96
CA ARG B 266 10.94 21.63 0.37
C ARG B 266 10.43 23.06 0.30
N GLY B 267 11.03 23.89 -0.57
CA GLY B 267 10.64 25.29 -0.69
C GLY B 267 9.15 25.43 -0.98
N PHE B 268 8.64 24.53 -1.82
CA PHE B 268 7.24 24.54 -2.22
C PHE B 268 6.30 24.28 -1.04
N ASP B 269 6.64 23.29 -0.21
CA ASP B 269 5.76 22.88 0.87
C ASP B 269 5.58 24.05 1.83
N ILE B 270 6.69 24.72 2.14
CA ILE B 270 6.66 25.77 3.14
C ILE B 270 5.98 26.98 2.52
N GLY B 271 6.40 27.32 1.28
CA GLY B 271 5.86 28.47 0.58
C GLY B 271 4.35 28.35 0.29
N ASN B 272 3.93 27.15 -0.17
CA ASN B 272 2.52 26.85 -0.36
C ASN B 272 1.76 27.05 0.95
N HIS B 273 2.34 26.59 2.08
CA HIS B 273 1.72 26.82 3.38
C HIS B 273 1.56 28.31 3.68
N PHE B 274 2.62 29.09 3.41
CA PHE B 274 2.59 30.52 3.65
C PHE B 274 1.48 31.17 2.82
N CYS B 275 1.37 30.78 1.54
CA CYS B 275 0.34 31.33 0.69
C CYS B 275 -1.04 31.09 1.31
N GLU B 276 -1.19 29.96 2.03
CA GLU B 276 -2.51 29.58 2.51
C GLU B 276 -2.99 30.49 3.64
N TRP B 277 -2.07 31.19 4.34
CA TRP B 277 -2.50 32.14 5.36
C TRP B 277 -3.46 33.17 4.74
N MET B 278 -3.37 33.34 3.42
CA MET B 278 -4.01 34.45 2.72
C MET B 278 -5.42 34.09 2.23
N TYR B 279 -5.80 32.79 2.30
CA TYR B 279 -7.02 32.28 1.66
C TYR B 279 -7.95 31.61 2.66
N ASP B 280 -9.24 31.99 2.65
CA ASP B 280 -10.24 31.47 3.56
C ASP B 280 -11.37 30.86 2.74
N TYR B 281 -11.49 29.52 2.81
CA TYR B 281 -12.40 28.76 1.96
C TYR B 281 -13.76 28.56 2.63
N SER B 282 -13.95 29.15 3.82
CA SER B 282 -15.18 29.02 4.60
C SER B 282 -16.21 30.10 4.25
N TYR B 283 -15.88 31.05 3.36
CA TYR B 283 -16.82 32.06 2.93
C TYR B 283 -17.99 31.40 2.21
N GLU B 284 -19.18 31.94 2.48
CA GLU B 284 -20.45 31.23 2.33
C GLU B 284 -21.21 31.76 1.11
N LYS B 285 -20.83 32.94 0.61
CA LYS B 285 -21.40 33.48 -0.62
C LYS B 285 -20.32 33.44 -1.71
N TYR B 286 -20.74 33.51 -2.97
CA TYR B 286 -19.84 33.43 -4.12
C TYR B 286 -18.77 34.51 -3.99
N PRO B 287 -17.48 34.27 -4.37
CA PRO B 287 -17.04 33.03 -5.02
C PRO B 287 -16.58 31.91 -4.08
N PHE B 288 -17.04 31.96 -2.83
CA PHE B 288 -16.79 30.91 -1.85
C PHE B 288 -15.35 30.89 -1.33
N PHE B 289 -14.67 32.04 -1.35
CA PHE B 289 -13.40 32.19 -0.66
C PHE B 289 -13.15 33.68 -0.42
N ARG B 290 -12.18 33.97 0.43
CA ARG B 290 -11.70 35.35 0.54
C ARG B 290 -10.18 35.36 0.51
N ALA B 291 -9.65 36.28 -0.29
CA ALA B 291 -8.23 36.47 -0.48
C ALA B 291 -7.85 37.79 0.19
N ASN B 292 -6.94 37.70 1.17
CA ASN B 292 -6.42 38.88 1.84
C ASN B 292 -4.89 38.85 1.80
N ILE B 293 -4.32 39.72 0.96
CA ILE B 293 -2.89 39.77 0.71
C ILE B 293 -2.12 40.23 1.96
N ARG B 294 -2.71 41.12 2.76
CA ARG B 294 -2.06 41.57 3.99
C ARG B 294 -1.81 40.41 4.96
N LYS B 295 -2.55 39.29 4.82
CA LYS B 295 -2.53 38.24 5.84
C LYS B 295 -1.36 37.28 5.66
N TYR B 296 -0.60 37.48 4.58
CA TYR B 296 0.64 36.79 4.34
C TYR B 296 1.53 37.02 5.56
N PRO B 297 2.23 35.97 6.04
CA PRO B 297 3.00 36.11 7.28
C PRO B 297 4.07 37.17 7.04
N THR B 298 4.33 37.96 8.09
CA THR B 298 5.45 38.91 8.07
C THR B 298 6.77 38.14 8.14
N LYS B 299 7.89 38.81 7.83
CA LYS B 299 9.21 38.25 8.01
C LYS B 299 9.35 37.67 9.43
N LYS B 300 8.83 38.41 10.42
CA LYS B 300 8.82 37.96 11.81
C LYS B 300 8.08 36.63 11.89
N GLN B 301 6.83 36.62 11.39
CA GLN B 301 6.01 35.41 11.34
C GLN B 301 6.75 34.26 10.63
N GLN B 302 7.34 34.55 9.47
CA GLN B 302 8.06 33.56 8.70
C GLN B 302 9.22 32.99 9.50
N LEU B 303 9.91 33.85 10.26
CA LEU B 303 11.09 33.42 11.00
C LEU B 303 10.69 32.50 12.14
N HIS B 304 9.55 32.81 12.78
CA HIS B 304 9.05 32.00 13.86
C HIS B 304 8.84 30.57 13.36
N PHE B 305 8.28 30.44 12.15
CA PHE B 305 7.94 29.15 11.56
C PHE B 305 9.23 28.37 11.31
N ILE B 306 10.10 28.92 10.45
CA ILE B 306 11.28 28.20 10.02
C ILE B 306 12.21 27.91 11.20
N SER B 307 12.12 28.71 12.26
CA SER B 307 12.90 28.57 13.49
C SER B 307 12.42 27.36 14.29
N SER B 308 11.22 26.89 13.97
CA SER B 308 10.68 25.68 14.53
C SER B 308 10.98 24.49 13.62
N TYR B 309 10.90 24.71 12.31
CA TYR B 309 11.12 23.71 11.27
C TYR B 309 12.56 23.20 11.32
N LEU B 310 13.51 24.16 11.29
CA LEU B 310 14.91 23.86 11.06
C LEU B 310 15.48 22.91 12.12
N PRO B 311 15.32 23.14 13.45
CA PRO B 311 15.82 22.20 14.46
C PRO B 311 15.12 20.84 14.43
N ALA B 312 13.84 20.86 14.05
CA ALA B 312 13.02 19.66 13.90
C ALA B 312 13.43 18.82 12.68
N PHE B 313 14.26 19.38 11.77
CA PHE B 313 14.55 18.73 10.51
C PHE B 313 16.04 18.37 10.40
N GLN B 314 16.86 19.05 11.21
CA GLN B 314 18.30 18.92 11.26
C GLN B 314 18.67 18.94 12.73
N ASN B 315 18.80 17.75 13.34
CA ASN B 315 18.83 17.59 14.79
C ASN B 315 19.90 18.47 15.43
N ASP B 316 20.93 18.81 14.64
CA ASP B 316 22.14 19.46 15.13
C ASP B 316 22.13 20.94 14.77
N PHE B 317 21.00 21.63 15.02
CA PHE B 317 20.85 22.98 14.50
C PHE B 317 21.04 24.01 15.61
N GLU B 318 20.36 23.80 16.74
CA GLU B 318 20.47 24.69 17.89
C GLU B 318 21.92 24.76 18.37
N ASN B 319 22.78 23.91 17.79
CA ASN B 319 24.19 23.80 18.15
C ASN B 319 25.11 24.43 17.10
N LEU B 320 24.61 25.41 16.33
CA LEU B 320 25.44 26.11 15.36
C LEU B 320 25.66 27.55 15.84
N SER B 321 26.51 28.28 15.10
CA SER B 321 26.79 29.68 15.40
C SER B 321 25.61 30.55 15.00
N THR B 322 25.25 31.49 15.87
CA THR B 322 24.20 32.46 15.59
C THR B 322 24.50 33.16 14.26
N GLU B 323 25.80 33.29 13.95
CA GLU B 323 26.27 33.83 12.68
C GLU B 323 25.86 32.92 11.53
N GLU B 324 25.81 31.60 11.77
CA GLU B 324 25.61 30.61 10.72
C GLU B 324 24.12 30.25 10.60
N LYS B 325 23.41 30.24 11.73
CA LYS B 325 21.98 29.98 11.74
C LYS B 325 21.27 31.09 10.97
N SER B 326 21.76 32.32 11.16
CA SER B 326 21.24 33.50 10.50
C SER B 326 21.32 33.40 8.97
N ILE B 327 22.41 32.81 8.46
CA ILE B 327 22.70 32.72 7.02
C ILE B 327 21.81 31.65 6.39
N ILE B 328 21.54 30.56 7.13
CA ILE B 328 20.66 29.51 6.65
C ILE B 328 19.25 30.07 6.57
N LYS B 329 18.87 30.79 7.63
CA LYS B 329 17.53 31.33 7.76
C LYS B 329 17.25 32.26 6.59
N GLU B 330 18.22 33.13 6.28
CA GLU B 330 17.98 34.23 5.36
C GLU B 330 17.82 33.66 3.97
N GLU B 331 18.64 32.65 3.65
CA GLU B 331 18.57 31.95 2.38
C GLU B 331 17.27 31.15 2.30
N MET B 332 16.83 30.62 3.45
CA MET B 332 15.59 29.84 3.51
C MET B 332 14.38 30.74 3.22
N LEU B 333 14.36 31.94 3.81
CA LEU B 333 13.33 32.93 3.51
C LEU B 333 13.23 33.20 2.00
N LEU B 334 14.39 33.42 1.37
CA LEU B 334 14.49 33.75 -0.04
C LEU B 334 13.94 32.57 -0.83
N GLU B 335 14.43 31.38 -0.48
CA GLU B 335 14.00 30.12 -1.05
C GLU B 335 12.48 29.96 -0.98
N VAL B 336 11.89 29.99 0.22
CA VAL B 336 10.50 29.62 0.40
C VAL B 336 9.60 30.67 -0.26
N ASN B 337 10.05 31.93 -0.20
CA ASN B 337 9.33 33.03 -0.80
C ASN B 337 9.36 32.96 -2.33
N ARG B 338 10.46 32.46 -2.89
CA ARG B 338 10.53 32.27 -4.33
C ARG B 338 9.57 31.16 -4.76
N PHE B 339 9.57 30.07 -3.98
CA PHE B 339 8.76 28.89 -4.26
C PHE B 339 7.26 29.17 -4.11
N ALA B 340 6.92 30.12 -3.24
CA ALA B 340 5.54 30.59 -3.07
C ALA B 340 4.95 31.02 -4.42
N LEU B 341 5.82 31.49 -5.31
CA LEU B 341 5.42 31.88 -6.64
C LEU B 341 4.84 30.68 -7.38
N ALA B 342 5.48 29.50 -7.21
CA ALA B 342 5.04 28.28 -7.86
C ALA B 342 3.69 27.82 -7.28
N SER B 343 3.48 28.07 -5.97
CA SER B 343 2.20 27.84 -5.33
C SER B 343 1.09 28.59 -6.07
N HIS B 344 1.25 29.91 -6.19
CA HIS B 344 0.33 30.73 -6.96
C HIS B 344 0.14 30.22 -8.38
N PHE B 345 1.25 29.87 -9.06
CA PHE B 345 1.19 29.51 -10.47
C PHE B 345 0.48 28.18 -10.64
N LEU B 346 0.91 27.20 -9.82
CA LEU B 346 0.34 25.87 -9.86
C LEU B 346 -1.14 25.93 -9.51
N TRP B 347 -1.51 26.59 -8.40
CA TRP B 347 -2.90 26.49 -7.99
C TRP B 347 -3.78 27.35 -8.88
N GLY B 348 -3.16 28.38 -9.46
CA GLY B 348 -3.85 29.23 -10.42
C GLY B 348 -4.23 28.44 -11.67
N LEU B 349 -3.27 27.66 -12.17
CA LEU B 349 -3.53 26.86 -13.36
C LEU B 349 -4.58 25.80 -13.02
N TRP B 350 -4.37 25.11 -11.89
CA TRP B 350 -5.25 24.05 -11.41
C TRP B 350 -6.69 24.55 -11.36
N SER B 351 -6.84 25.75 -10.82
CA SER B 351 -8.13 26.40 -10.71
C SER B 351 -8.84 26.54 -12.06
N ILE B 352 -8.12 26.96 -13.11
CA ILE B 352 -8.71 27.18 -14.43
C ILE B 352 -9.25 25.85 -14.99
N VAL B 353 -8.47 24.78 -14.84
CA VAL B 353 -8.83 23.44 -15.27
C VAL B 353 -10.11 22.96 -14.56
N GLN B 354 -10.17 23.19 -13.23
CA GLN B 354 -11.33 22.84 -12.41
C GLN B 354 -12.59 23.55 -12.90
N ALA B 355 -12.44 24.81 -13.35
CA ALA B 355 -13.59 25.60 -13.73
C ALA B 355 -14.29 24.95 -14.94
N LYS B 356 -13.53 24.13 -15.67
CA LYS B 356 -14.02 23.41 -16.84
C LYS B 356 -14.65 22.08 -16.39
N ILE B 357 -13.97 21.36 -15.49
CA ILE B 357 -14.27 19.96 -15.23
C ILE B 357 -15.02 19.77 -13.92
N SER B 358 -14.99 20.74 -13.00
CA SER B 358 -15.59 20.59 -11.67
C SER B 358 -17.03 21.12 -11.60
N SER B 359 -17.87 20.42 -10.82
CA SER B 359 -19.27 20.76 -10.67
C SER B 359 -19.53 21.46 -9.33
N ILE B 360 -18.58 21.30 -8.39
CA ILE B 360 -18.55 21.94 -7.08
C ILE B 360 -18.86 23.44 -7.19
N GLU B 361 -19.60 23.99 -6.23
CA GLU B 361 -19.96 25.40 -6.27
C GLU B 361 -18.86 26.26 -5.68
N PHE B 362 -17.96 26.69 -6.55
CA PHE B 362 -16.80 27.48 -6.16
C PHE B 362 -16.39 28.34 -7.36
N GLY B 363 -16.12 29.63 -7.11
CA GLY B 363 -15.74 30.53 -8.19
C GLY B 363 -14.28 30.29 -8.60
N TYR B 364 -14.07 29.27 -9.42
CA TYR B 364 -12.73 28.80 -9.71
C TYR B 364 -11.95 29.85 -10.52
N MET B 365 -12.66 30.60 -11.37
CA MET B 365 -12.03 31.61 -12.20
C MET B 365 -11.61 32.80 -11.33
N ASP B 366 -12.48 33.23 -10.40
CA ASP B 366 -12.13 34.28 -9.47
C ASP B 366 -10.88 33.87 -8.68
N TYR B 367 -10.84 32.60 -8.28
CA TYR B 367 -9.73 32.07 -7.50
C TYR B 367 -8.45 32.00 -8.32
N ALA B 368 -8.58 31.66 -9.62
CA ALA B 368 -7.42 31.66 -10.52
C ALA B 368 -6.79 33.05 -10.57
N GLN B 369 -7.61 34.06 -10.86
CA GLN B 369 -7.27 35.48 -10.88
C GLN B 369 -6.61 35.93 -9.57
N ALA B 370 -7.18 35.55 -8.42
CA ALA B 370 -6.65 35.95 -7.13
C ALA B 370 -5.23 35.40 -6.95
N ARG B 371 -5.00 34.16 -7.42
CA ARG B 371 -3.69 33.54 -7.27
C ARG B 371 -2.72 34.23 -8.22
N PHE B 372 -3.22 34.67 -9.37
CA PHE B 372 -2.32 35.31 -10.32
C PHE B 372 -2.03 36.74 -9.86
N ASP B 373 -3.03 37.42 -9.26
CA ASP B 373 -2.78 38.68 -8.58
C ASP B 373 -1.65 38.52 -7.58
N ALA B 374 -1.76 37.51 -6.70
CA ALA B 374 -0.74 37.23 -5.69
C ALA B 374 0.63 36.94 -6.32
N TYR B 375 0.62 36.24 -7.47
CA TYR B 375 1.85 35.82 -8.12
C TYR B 375 2.68 37.06 -8.48
N PHE B 376 2.04 37.98 -9.22
CA PHE B 376 2.68 39.20 -9.69
C PHE B 376 2.99 40.15 -8.52
N HIS B 377 2.11 40.20 -7.52
CA HIS B 377 2.32 41.03 -6.34
C HIS B 377 3.52 40.53 -5.55
N GLN B 378 3.66 39.20 -5.49
CA GLN B 378 4.81 38.58 -4.85
C GLN B 378 6.08 38.88 -5.64
N LYS B 379 5.99 38.88 -6.98
CA LYS B 379 7.12 39.16 -7.87
C LYS B 379 7.64 40.57 -7.60
N ARG B 380 6.75 41.56 -7.63
CA ARG B 380 7.08 42.95 -7.34
C ARG B 380 7.89 43.04 -6.05
N LYS B 381 7.30 42.52 -4.96
CA LYS B 381 7.78 42.53 -3.60
C LYS B 381 9.21 42.00 -3.48
N LEU B 382 9.61 41.17 -4.45
CA LEU B 382 10.85 40.43 -4.42
C LEU B 382 11.89 41.10 -5.31
N GLY B 383 11.44 41.99 -6.20
CA GLY B 383 12.29 42.58 -7.23
C GLY B 383 12.73 41.58 -8.30
N VAL B 384 11.89 40.57 -8.57
CA VAL B 384 12.19 39.51 -9.53
C VAL B 384 11.40 39.75 -10.82
N1 EPE C . 5.19 -24.69 -8.93
C2 EPE C . 4.63 -24.06 -10.15
C3 EPE C . 5.49 -24.36 -11.35
N4 EPE C . 6.87 -23.88 -11.15
C5 EPE C . 7.44 -24.51 -9.94
C6 EPE C . 6.59 -24.23 -8.73
C7 EPE C . 7.70 -24.14 -12.32
C8 EPE C . 9.18 -23.85 -12.16
O8 EPE C . 9.43 -22.49 -11.86
C9 EPE C . 4.37 -24.41 -7.73
C10 EPE C . 2.87 -24.68 -7.86
S EPE C . 1.93 -24.12 -6.45
O1S EPE C . 0.71 -23.57 -6.96
O2S EPE C . 1.90 -25.21 -5.53
O3S EPE C . 2.75 -22.93 -5.87
N1 EPE D . 3.28 -26.70 -20.71
C2 EPE D . 4.67 -26.40 -21.14
C3 EPE D . 4.75 -25.89 -22.57
N4 EPE D . 3.77 -24.82 -22.85
C5 EPE D . 3.13 -24.41 -21.60
C6 EPE D . 2.38 -25.56 -20.99
C7 EPE D . 4.38 -23.68 -23.55
C8 EPE D . 3.48 -23.01 -24.56
O8 EPE D . 3.15 -21.70 -24.12
C9 EPE D . 2.75 -27.98 -21.24
C10 EPE D . 2.67 -29.09 -20.20
S EPE D . 1.26 -30.16 -20.14
O1S EPE D . 1.36 -30.90 -18.76
O2S EPE D . 1.39 -31.15 -21.17
O3S EPE D . 0.09 -29.32 -20.18
N1 U6E E . 12.03 -11.45 -3.02
C2 U6E E . 12.02 -12.70 -3.51
C4 U6E E . 13.18 -10.97 -2.52
C5 U6E E . 14.32 -11.72 -2.49
C6 U6E E . 14.29 -12.96 -2.98
C8 U6E E . 16.32 -12.59 -2.30
C13 U6E E . 17.44 -16.89 -3.28
C16 U6E E . 15.77 -15.02 -4.87
C17 U6E E . 18.45 -16.26 -5.50
C26 U6E E . 21.02 -14.83 -10.82
C23 U6E E . 20.64 -14.92 -9.35
N22 U6E E . 19.63 -15.72 -8.88
C24 U6E E . 21.32 -14.22 -8.44
S25 U6E E . 20.66 -14.58 -6.98
C21 U6E E . 19.47 -15.68 -7.56
N18 U6E E . 18.53 -16.37 -6.85
O19 U6E E . 19.23 -15.60 -4.79
C14 U6E E . 17.32 -17.02 -4.82
C15 U6E E . 15.94 -16.49 -5.30
C12 U6E E . 17.15 -15.45 -2.76
C11 U6E E . 15.82 -14.91 -3.32
N7 U6E E . 15.51 -13.50 -2.87
N9 U6E E . 15.58 -11.50 -2.07
N3 U6E E . 13.14 -13.44 -3.48
CL1 U6E E . 10.52 -13.40 -4.19
N10 U6E E . 13.20 -9.72 -2.05
MG MG F . 6.98 -29.09 -1.97
N1 EPE G . -10.32 24.46 -2.26
C2 EPE G . -11.42 24.16 -3.22
C3 EPE G . -12.79 24.41 -2.65
N4 EPE G . -12.99 23.69 -1.38
C5 EPE G . -11.98 24.16 -0.43
C6 EPE G . -10.59 23.84 -0.95
C7 EPE G . -14.36 23.90 -0.87
C8 EPE G . -14.84 22.92 0.19
O8 EPE G . -16.11 22.36 -0.08
C9 EPE G . -9.00 23.99 -2.81
C10 EPE G . -7.77 24.86 -2.58
S EPE G . -6.17 24.13 -2.90
O1S EPE G . -6.27 23.32 -4.07
O2S EPE G . -5.87 23.22 -1.67
O3S EPE G . -5.20 25.20 -2.86
N1 U6E H . -9.47 11.77 7.33
C2 U6E H . -9.92 12.97 6.96
C4 U6E H . -9.76 11.31 8.53
C5 U6E H . -10.48 12.01 9.43
C6 U6E H . -10.93 13.21 9.07
C8 U6E H . -11.61 12.84 11.07
C13 U6E H . -13.20 16.97 11.49
C16 U6E H . -13.62 15.02 9.33
C17 U6E H . -15.58 16.07 11.21
C26 U6E H . -21.42 15.00 9.80
C23 U6E H . -20.05 14.92 10.47
N22 U6E H . -19.02 15.75 10.13
C24 U6E H . -19.80 14.01 11.44
S25 U6E H . -18.22 14.24 11.90
C21 U6E H . -17.90 15.56 10.83
N18 U6E H . -16.78 16.27 10.61
O19 U6E H . -15.33 15.30 12.13
C14 U6E H . -14.47 16.96 10.63
C15 U6E H . -14.17 16.45 9.23
C12 U6E H . -12.46 15.62 11.49
C11 U6E H . -12.28 15.04 10.07
N7 U6E H . -11.63 13.71 10.08
N9 U6E H . -10.90 11.80 10.68
N3 U6E H . -10.65 13.69 7.84
CL1 U6E H . -9.49 13.54 5.26
N10 U6E H . -9.30 10.10 8.87
MG MG I . -5.90 29.03 3.55
#